data_9AZV
#
_entry.id   9AZV
#
_cell.length_a   76.277
_cell.length_b   93.467
_cell.length_c   108.852
_cell.angle_alpha   90.000
_cell.angle_beta   90.000
_cell.angle_gamma   90.000
#
_symmetry.space_group_name_H-M   'P 21 21 2'
#
loop_
_entity.id
_entity.type
_entity.pdbx_description
1 polymer 'CH67 Fab heavy chain'
2 polymer 'CH67 Fab light chain'
3 polymer 'Hemagglutinin HA1 chain'
4 non-polymer 2-acetamido-2-deoxy-beta-D-glucopyranose
#
loop_
_entity_poly.entity_id
_entity_poly.type
_entity_poly.pdbx_seq_one_letter_code
_entity_poly.pdbx_strand_id
1 'polypeptide(L)'
;QVQLVQSGAEVRKPGASVKVSCKASGYTFTDNYIHWVRQAPGQGLEWMGWIHPNSGATKYAQKFEGWVTMTRDTSISTVY
MELSRSRSDDTAVYYCARAGLEPRSVDYYFYGLDVWGQGTAVTVSGASTKGPSVFPLAPSSKSTSGGTAALGCLVKDYFP
EPVTVSWNSGALTSGVHTFPAVLQSSGLYSLSSVVTVPSSSLGTQTYICNVNHKPSNTKVDKRVEPKSCDKGSSLEVLFQ
GPLGHHHHHH
;
H
2 'polypeptide(L)'
;QSVLTQPPSVSVAPGQTATITCGGNNIGRKRVDWFQQKPGQAPVLVVYEDSDRPSGIPERFSDSNSGTTATLTISRVEAG
DEADYYCQVWDSDSDHVVFGGGTKLTVLGQPKAAPSVTLFPPSSEELQANKATLVCLISDFYPGAVTVAWKADSSPVKAG
VETTTPSKQSNNKYAASSYLSLTPEQWKSHRSYSCQVTHEGSTVEKTVAPTECS
;
L
3 'polypeptide(L)'
;APLQLGNCSIAGWILGNPECESLFSKESWSYIAETPNSENGTCYPGYFADYEELREQLSSVSSFERFEIFPKESSWPNHT
VTKGVTASCSHNGKSSFYRNLLWLTEKNGLYPNLSKSYVNNKEKEVLVLWGVHHPSNIEDQRAIYHTENAYVSVVSSHYS
RRFTPEIAKRPKVRDQEGRINYYWTLLEPGDTIIFEANGNLIAPWYAFALSRGGAGSSLEVLFQ
;
E
#
loop_
_chem_comp.id
_chem_comp.type
_chem_comp.name
_chem_comp.formula
NAG D-saccharide, beta linking 2-acetamido-2-deoxy-beta-D-glucopyranose 'C8 H15 N O6'
#
# COMPACT_ATOMS: atom_id res chain seq x y z
N GLN A 1 -9.80 -2.39 22.70
CA GLN A 1 -8.71 -2.76 21.81
C GLN A 1 -8.36 -1.57 20.91
N VAL A 2 -7.15 -1.58 20.36
CA VAL A 2 -6.70 -0.50 19.48
C VAL A 2 -7.63 -0.40 18.28
N GLN A 3 -8.16 0.79 18.04
CA GLN A 3 -9.06 1.02 16.92
C GLN A 3 -8.97 2.48 16.50
N LEU A 4 -9.43 2.75 15.28
CA LEU A 4 -9.49 4.10 14.74
C LEU A 4 -10.91 4.35 14.24
N VAL A 5 -11.60 5.31 14.84
CA VAL A 5 -12.96 5.66 14.47
C VAL A 5 -12.91 6.94 13.64
N GLN A 6 -13.45 6.88 12.43
CA GLN A 6 -13.41 7.99 11.49
C GLN A 6 -14.68 8.81 11.57
N SER A 7 -14.67 9.93 10.85
CA SER A 7 -15.83 10.81 10.81
C SER A 7 -16.94 10.20 9.95
N GLY A 8 -18.12 10.79 10.03
CA GLY A 8 -19.27 10.30 9.31
C GLY A 8 -19.24 10.65 7.83
N ALA A 9 -20.31 10.25 7.13
CA ALA A 9 -20.40 10.48 5.70
C ALA A 9 -20.47 11.98 5.40
N GLU A 10 -19.88 12.37 4.28
CA GLU A 10 -19.80 13.77 3.88
C GLU A 10 -20.25 13.94 2.44
N VAL A 11 -21.01 15.01 2.19
CA VAL A 11 -21.41 15.42 0.85
C VAL A 11 -20.98 16.87 0.66
N ARG A 12 -20.26 17.15 -0.41
CA ARG A 12 -19.71 18.47 -0.65
C ARG A 12 -19.90 18.85 -2.11
N LYS A 13 -19.89 20.15 -2.37
CA LYS A 13 -19.89 20.63 -3.74
C LYS A 13 -18.47 20.75 -4.25
N PRO A 14 -18.27 20.79 -5.57
CA PRO A 14 -16.91 20.94 -6.10
C PRO A 14 -16.26 22.22 -5.58
N GLY A 15 -14.97 22.12 -5.27
CA GLY A 15 -14.23 23.23 -4.71
C GLY A 15 -14.37 23.40 -3.21
N ALA A 16 -15.16 22.56 -2.54
CA ALA A 16 -15.34 22.70 -1.11
C ALA A 16 -14.16 22.09 -0.35
N SER A 17 -14.14 22.34 0.96
CA SER A 17 -13.10 21.83 1.85
C SER A 17 -13.61 20.56 2.51
N VAL A 18 -13.04 19.42 2.12
CA VAL A 18 -13.40 18.13 2.68
C VAL A 18 -12.43 17.80 3.81
N LYS A 19 -12.95 17.63 5.01
CA LYS A 19 -12.15 17.35 6.20
C LYS A 19 -12.61 16.04 6.82
N VAL A 20 -11.67 15.13 7.04
CA VAL A 20 -11.96 13.82 7.61
C VAL A 20 -11.16 13.65 8.89
N SER A 21 -11.82 13.23 9.96
CA SER A 21 -11.19 13.02 11.25
C SER A 21 -10.88 11.54 11.47
N CYS A 22 -9.94 11.28 12.37
CA CYS A 22 -9.53 9.91 12.70
C CYS A 22 -9.11 9.89 14.16
N LYS A 23 -10.01 9.45 15.03
CA LYS A 23 -9.72 9.35 16.46
C LYS A 23 -9.03 8.03 16.76
N ALA A 24 -8.03 8.08 17.64
CA ALA A 24 -7.25 6.91 18.02
C ALA A 24 -7.49 6.56 19.47
N SER A 25 -7.58 5.27 19.77
CA SER A 25 -7.78 4.80 21.13
C SER A 25 -7.16 3.43 21.29
N GLY A 26 -6.87 3.06 22.54
CA GLY A 26 -6.30 1.77 22.86
C GLY A 26 -4.78 1.71 22.84
N TYR A 27 -4.12 2.79 22.45
CA TYR A 27 -2.66 2.80 22.38
C TYR A 27 -2.17 4.23 22.52
N THR A 28 -0.88 4.37 22.79
CA THR A 28 -0.28 5.70 22.92
C THR A 28 -0.31 6.41 21.58
N PHE A 29 -0.97 7.58 21.55
CA PHE A 29 -1.26 8.25 20.28
C PHE A 29 0.00 8.64 19.53
N THR A 30 1.02 9.10 20.25
CA THR A 30 2.23 9.63 19.63
C THR A 30 3.26 8.55 19.32
N ASP A 31 2.84 7.31 19.13
CA ASP A 31 3.78 6.22 18.90
C ASP A 31 4.10 6.02 17.42
N ASN A 32 3.07 5.76 16.60
CA ASN A 32 3.27 5.35 15.23
C ASN A 32 2.67 6.35 14.25
N TYR A 33 3.06 6.21 12.98
CA TYR A 33 2.53 7.04 11.92
C TYR A 33 1.06 6.70 11.66
N ILE A 34 0.36 7.64 11.05
CA ILE A 34 -1.00 7.45 10.57
C ILE A 34 -1.00 7.70 9.07
N HIS A 35 -1.45 6.70 8.31
CA HIS A 35 -1.49 6.77 6.86
C HIS A 35 -2.92 6.97 6.37
N TRP A 36 -3.05 7.61 5.21
CA TRP A 36 -4.34 7.86 4.60
C TRP A 36 -4.36 7.28 3.19
N VAL A 37 -5.40 6.53 2.87
CA VAL A 37 -5.57 5.97 1.53
C VAL A 37 -6.97 6.31 1.03
N ARG A 38 -7.11 6.33 -0.29
CA ARG A 38 -8.36 6.68 -0.95
C ARG A 38 -8.73 5.58 -1.93
N GLN A 39 -9.98 5.14 -1.89
CA GLN A 39 -10.47 4.06 -2.72
C GLN A 39 -11.69 4.53 -3.52
N ALA A 40 -11.49 4.74 -4.82
CA ALA A 40 -12.60 5.07 -5.70
C ALA A 40 -13.57 3.89 -5.75
N PRO A 41 -14.85 4.13 -6.02
CA PRO A 41 -15.85 3.05 -5.92
C PRO A 41 -15.54 1.91 -6.88
N GLY A 42 -15.31 0.73 -6.32
CA GLY A 42 -14.92 -0.42 -7.11
C GLY A 42 -13.58 -0.30 -7.78
N GLN A 43 -12.62 0.37 -7.14
CA GLN A 43 -11.30 0.57 -7.68
C GLN A 43 -10.26 0.21 -6.60
N GLY A 44 -9.00 0.41 -6.94
CA GLY A 44 -7.91 0.08 -6.04
C GLY A 44 -7.67 1.15 -5.00
N LEU A 45 -6.68 0.88 -4.14
CA LEU A 45 -6.28 1.80 -3.09
C LEU A 45 -5.19 2.73 -3.59
N GLU A 46 -5.33 4.02 -3.26
CA GLU A 46 -4.36 5.04 -3.62
C GLU A 46 -3.80 5.67 -2.35
N TRP A 47 -2.49 5.59 -2.18
CA TRP A 47 -1.85 6.17 -1.01
C TRP A 47 -1.81 7.68 -1.12
N MET A 48 -2.13 8.36 -0.02
CA MET A 48 -2.17 9.81 0.03
C MET A 48 -1.01 10.42 0.81
N GLY A 49 -0.72 9.90 2.00
CA GLY A 49 0.36 10.42 2.80
C GLY A 49 0.35 9.82 4.18
N TRP A 50 1.28 10.30 5.00
CA TRP A 50 1.38 9.87 6.39
C TRP A 50 1.72 11.07 7.26
N ILE A 51 1.29 10.99 8.52
CA ILE A 51 1.60 12.00 9.53
C ILE A 51 1.91 11.29 10.85
N HIS A 52 2.98 11.73 11.52
CA HIS A 52 3.35 11.15 12.80
C HIS A 52 2.92 12.08 13.93
N PRO A 53 2.08 11.62 14.86
CA PRO A 53 1.64 12.50 15.95
C PRO A 53 2.78 13.05 16.79
N ASN A 54 3.83 12.26 17.03
CA ASN A 54 4.91 12.70 17.91
C ASN A 54 5.65 13.90 17.33
N SER A 55 5.94 13.87 16.03
CA SER A 55 6.73 14.92 15.41
C SER A 55 5.92 15.88 14.56
N GLY A 56 4.79 15.45 14.02
CA GLY A 56 4.03 16.29 13.11
C GLY A 56 4.53 16.30 11.69
N ALA A 57 5.53 15.48 11.36
CA ALA A 57 6.05 15.44 10.00
C ALA A 57 5.02 14.89 9.04
N THR A 58 4.99 15.44 7.83
CA THR A 58 4.05 15.05 6.80
C THR A 58 4.79 14.82 5.49
N LYS A 59 4.49 13.69 4.84
CA LYS A 59 5.00 13.39 3.50
C LYS A 59 3.83 12.90 2.66
N TYR A 60 3.43 13.71 1.68
CA TYR A 60 2.31 13.40 0.82
C TYR A 60 2.79 12.78 -0.48
N ALA A 61 1.88 12.11 -1.18
CA ALA A 61 2.18 11.58 -2.50
C ALA A 61 2.17 12.70 -3.54
N GLN A 62 2.79 12.43 -4.68
CA GLN A 62 2.89 13.45 -5.73
C GLN A 62 1.50 13.82 -6.26
N LYS A 63 0.62 12.82 -6.40
CA LYS A 63 -0.72 13.09 -6.94
C LYS A 63 -1.51 14.01 -6.02
N PHE A 64 -1.33 13.87 -4.71
CA PHE A 64 -2.10 14.63 -3.73
C PHE A 64 -1.33 15.82 -3.16
N GLU A 65 -0.09 16.04 -3.58
CA GLU A 65 0.72 17.10 -3.00
C GLU A 65 0.09 18.46 -3.22
N GLY A 66 0.13 19.30 -2.18
CA GLY A 66 -0.39 20.65 -2.26
C GLY A 66 -1.81 20.82 -1.78
N TRP A 67 -2.76 20.17 -2.46
CA TRP A 67 -4.17 20.37 -2.15
C TRP A 67 -4.67 19.52 -0.99
N VAL A 68 -3.87 18.59 -0.48
CA VAL A 68 -4.21 17.84 0.72
C VAL A 68 -3.33 18.33 1.85
N THR A 69 -3.87 18.27 3.07
CA THR A 69 -3.15 18.73 4.25
C THR A 69 -3.51 17.83 5.43
N MET A 70 -2.49 17.30 6.09
CA MET A 70 -2.67 16.45 7.26
C MET A 70 -2.26 17.20 8.52
N THR A 71 -3.16 17.25 9.49
CA THR A 71 -2.89 17.88 10.77
C THR A 71 -3.12 16.86 11.89
N ARG A 72 -2.74 17.23 13.11
CA ARG A 72 -2.83 16.33 14.24
C ARG A 72 -3.16 17.12 15.50
N ASP A 73 -3.70 16.41 16.49
CA ASP A 73 -4.05 17.00 17.78
C ASP A 73 -3.79 15.95 18.85
N THR A 74 -2.70 16.12 19.59
CA THR A 74 -2.35 15.14 20.63
C THR A 74 -3.29 15.19 21.82
N SER A 75 -3.95 16.33 22.05
CA SER A 75 -4.85 16.45 23.19
C SER A 75 -6.03 15.49 23.07
N ILE A 76 -6.59 15.37 21.87
CA ILE A 76 -7.74 14.49 21.63
C ILE A 76 -7.37 13.24 20.86
N SER A 77 -6.09 13.03 20.57
CA SER A 77 -5.62 11.85 19.84
C SER A 77 -6.31 11.71 18.49
N THR A 78 -6.46 12.83 17.79
CA THR A 78 -7.16 12.87 16.50
C THR A 78 -6.23 13.45 15.44
N VAL A 79 -6.18 12.78 14.29
CA VAL A 79 -5.48 13.28 13.10
C VAL A 79 -6.52 13.68 12.06
N TYR A 80 -6.26 14.77 11.36
CA TYR A 80 -7.17 15.30 10.37
C TYR A 80 -6.54 15.22 8.98
N MET A 81 -7.41 15.20 7.96
CA MET A 81 -6.99 15.19 6.57
C MET A 81 -7.96 16.10 5.80
N GLU A 82 -7.49 17.29 5.45
CA GLU A 82 -8.32 18.28 4.79
C GLU A 82 -7.90 18.43 3.33
N LEU A 83 -8.87 18.33 2.44
CA LEU A 83 -8.67 18.57 1.01
C LEU A 83 -9.13 19.98 0.70
N SER A 84 -8.17 20.87 0.42
CA SER A 84 -8.51 22.28 0.21
C SER A 84 -9.42 22.45 -1.00
N ARG A 85 -9.14 21.75 -2.09
CA ARG A 85 -9.94 21.81 -3.30
C ARG A 85 -10.46 20.42 -3.64
N SER A 86 -11.69 20.35 -4.12
CA SER A 86 -12.36 19.08 -4.36
C SER A 86 -12.87 19.01 -5.79
N ARG A 87 -13.04 17.78 -6.27
CA ARG A 87 -13.55 17.53 -7.62
C ARG A 87 -14.42 16.29 -7.59
N SER A 88 -15.08 16.03 -8.72
CA SER A 88 -15.97 14.87 -8.81
C SER A 88 -15.20 13.57 -8.69
N ASP A 89 -13.98 13.51 -9.23
CA ASP A 89 -13.19 12.29 -9.18
C ASP A 89 -12.74 11.95 -7.77
N ASP A 90 -12.82 12.90 -6.83
CA ASP A 90 -12.41 12.65 -5.46
C ASP A 90 -13.46 11.89 -4.66
N THR A 91 -14.64 11.64 -5.24
CA THR A 91 -15.65 10.82 -4.58
C THR A 91 -15.12 9.42 -4.32
N ALA A 92 -14.91 9.09 -3.05
CA ALA A 92 -14.29 7.81 -2.68
C ALA A 92 -14.52 7.58 -1.20
N VAL A 93 -14.04 6.44 -0.71
CA VAL A 93 -14.03 6.12 0.71
C VAL A 93 -12.61 6.29 1.22
N TYR A 94 -12.45 7.11 2.26
CA TYR A 94 -11.14 7.48 2.78
C TYR A 94 -10.88 6.75 4.08
N TYR A 95 -9.74 6.07 4.15
CA TYR A 95 -9.35 5.27 5.30
C TYR A 95 -8.12 5.89 5.98
N CYS A 96 -8.08 5.79 7.30
CA CYS A 96 -6.91 6.16 8.08
C CYS A 96 -6.36 4.89 8.74
N ALA A 97 -5.06 4.67 8.61
CA ALA A 97 -4.43 3.44 9.08
C ALA A 97 -3.24 3.77 9.97
N ARG A 98 -3.07 2.95 11.01
CA ARG A 98 -2.00 3.12 11.98
C ARG A 98 -0.83 2.21 11.60
N ALA A 99 0.38 2.75 11.66
CA ALA A 99 1.59 2.00 11.29
C ALA A 99 2.20 1.34 12.53
N GLY A 100 1.43 0.42 13.11
CA GLY A 100 1.83 -0.27 14.32
C GLY A 100 2.74 -1.46 14.13
N LEU A 101 3.11 -1.79 12.89
CA LEU A 101 4.00 -2.91 12.61
C LEU A 101 5.43 -2.41 12.60
N GLU A 102 6.16 -2.70 13.68
CA GLU A 102 7.54 -2.25 13.78
C GLU A 102 8.41 -3.00 12.79
N PRO A 103 9.42 -2.35 12.22
CA PRO A 103 10.34 -3.05 11.30
C PRO A 103 11.25 -4.02 12.04
N ARG A 104 12.14 -4.69 11.30
CA ARG A 104 13.10 -5.61 11.90
C ARG A 104 14.55 -5.29 11.57
N SER A 105 14.83 -4.69 10.42
CA SER A 105 16.19 -4.40 10.00
C SER A 105 16.28 -2.99 9.45
N VAL A 106 17.47 -2.40 9.55
CA VAL A 106 17.69 -1.07 8.99
C VAL A 106 17.63 -1.10 7.48
N ASP A 107 17.95 -2.24 6.86
CA ASP A 107 17.83 -2.37 5.41
C ASP A 107 16.40 -2.25 4.93
N TYR A 108 15.42 -2.55 5.79
CA TYR A 108 14.01 -2.53 5.47
C TYR A 108 13.23 -1.81 6.56
N TYR A 109 13.72 -0.63 6.95
CA TYR A 109 13.16 0.13 8.06
C TYR A 109 11.88 0.83 7.59
N PHE A 110 10.78 0.10 7.64
CA PHE A 110 9.46 0.63 7.36
C PHE A 110 8.47 0.15 8.41
N TYR A 111 7.53 1.03 8.77
CA TYR A 111 6.49 0.70 9.75
C TYR A 111 5.23 0.29 9.00
N GLY A 112 4.94 -1.01 9.01
CA GLY A 112 3.82 -1.53 8.25
C GLY A 112 2.47 -1.12 8.82
N LEU A 113 1.47 -1.15 7.95
CA LEU A 113 0.12 -0.74 8.29
C LEU A 113 -0.67 -1.95 8.79
N ASP A 114 -1.07 -1.91 10.06
CA ASP A 114 -1.74 -3.06 10.67
C ASP A 114 -3.16 -2.75 11.13
N VAL A 115 -3.39 -1.60 11.75
CA VAL A 115 -4.70 -1.23 12.28
C VAL A 115 -5.32 -0.21 11.36
N TRP A 116 -6.51 -0.51 10.85
CA TRP A 116 -7.22 0.35 9.92
C TRP A 116 -8.47 0.93 10.58
N GLY A 117 -8.99 1.99 9.96
CA GLY A 117 -10.23 2.59 10.40
C GLY A 117 -11.43 1.89 9.79
N GLN A 118 -12.54 2.62 9.73
CA GLN A 118 -13.77 2.11 9.14
C GLN A 118 -14.10 2.75 7.79
N GLY A 119 -13.47 3.85 7.45
CA GLY A 119 -13.72 4.52 6.19
C GLY A 119 -14.67 5.70 6.36
N THR A 120 -14.54 6.68 5.47
CA THR A 120 -15.40 7.85 5.44
C THR A 120 -15.90 8.04 4.03
N ALA A 121 -17.22 8.01 3.85
CA ALA A 121 -17.83 8.14 2.53
C ALA A 121 -17.88 9.62 2.14
N VAL A 122 -17.02 10.02 1.22
CA VAL A 122 -16.96 11.39 0.72
C VAL A 122 -17.47 11.35 -0.72
N THR A 123 -18.63 11.97 -0.95
CA THR A 123 -19.23 12.07 -2.27
C THR A 123 -19.31 13.55 -2.63
N VAL A 124 -18.47 14.00 -3.56
CA VAL A 124 -18.51 15.42 -3.85
C VAL A 124 -19.55 15.70 -4.91
N SER A 125 -19.22 15.44 -6.19
CA SER A 125 -20.17 15.38 -7.30
C SER A 125 -21.37 16.32 -7.13
N GLY A 126 -21.12 17.58 -6.81
CA GLY A 126 -22.15 18.45 -6.27
C GLY A 126 -23.32 18.78 -7.17
N ALA A 127 -24.50 18.26 -6.82
CA ALA A 127 -25.72 18.57 -7.54
C ALA A 127 -26.87 18.68 -6.54
N SER A 128 -28.03 19.08 -7.04
CA SER A 128 -29.23 19.25 -6.23
C SER A 128 -30.26 18.21 -6.61
N THR A 129 -31.28 18.07 -5.75
CA THR A 129 -32.32 17.07 -5.97
C THR A 129 -33.01 17.31 -7.30
N LYS A 130 -33.03 16.29 -8.15
CA LYS A 130 -33.53 16.40 -9.50
C LYS A 130 -34.39 15.19 -9.84
N GLY A 131 -35.46 15.42 -10.59
CA GLY A 131 -36.34 14.36 -11.03
C GLY A 131 -35.73 13.54 -12.15
N PRO A 132 -36.13 12.27 -12.26
CA PRO A 132 -35.57 11.41 -13.29
C PRO A 132 -36.26 11.60 -14.63
N SER A 133 -35.46 11.54 -15.70
CA SER A 133 -35.96 11.57 -17.06
C SER A 133 -35.95 10.15 -17.60
N VAL A 134 -37.14 9.62 -17.91
CA VAL A 134 -37.29 8.23 -18.33
C VAL A 134 -37.45 8.19 -19.84
N PHE A 135 -36.57 7.42 -20.49
CA PHE A 135 -36.61 7.21 -21.93
C PHE A 135 -36.76 5.73 -22.23
N PRO A 136 -37.58 5.36 -23.21
CA PRO A 136 -37.86 3.94 -23.45
C PRO A 136 -36.83 3.26 -24.36
N LEU A 137 -36.24 2.18 -23.88
CA LEU A 137 -35.39 1.32 -24.70
C LEU A 137 -36.30 0.36 -25.46
N ALA A 138 -36.59 0.69 -26.72
CA ALA A 138 -37.59 -0.04 -27.47
C ALA A 138 -37.14 -1.47 -27.73
N PRO A 139 -38.08 -2.41 -27.77
CA PRO A 139 -37.77 -3.79 -28.18
C PRO A 139 -37.52 -3.96 -29.67
N SER A 140 -37.40 -2.88 -30.42
CA SER A 140 -37.25 -2.95 -31.86
C SER A 140 -35.90 -3.54 -32.24
N SER A 141 -35.65 -3.63 -33.55
CA SER A 141 -34.46 -4.25 -34.11
C SER A 141 -34.41 -5.74 -33.76
N LYS A 142 -33.34 -6.42 -34.16
CA LYS A 142 -33.22 -7.87 -33.96
C LYS A 142 -32.77 -8.13 -32.52
N SER A 143 -33.75 -8.17 -31.61
CA SER A 143 -33.53 -8.47 -30.21
C SER A 143 -34.07 -9.84 -29.83
N THR A 144 -34.21 -10.74 -30.80
CA THR A 144 -34.82 -12.04 -30.58
C THR A 144 -33.73 -13.10 -30.42
N SER A 145 -33.56 -13.58 -29.18
CA SER A 145 -32.73 -14.74 -28.91
C SER A 145 -33.48 -16.06 -29.09
N GLY A 146 -34.62 -15.99 -29.79
CA GLY A 146 -35.49 -17.13 -29.99
C GLY A 146 -36.75 -17.02 -29.15
N GLY A 147 -37.85 -16.58 -29.77
CA GLY A 147 -39.11 -16.44 -29.06
C GLY A 147 -39.17 -15.31 -28.06
N THR A 148 -38.02 -14.80 -27.61
CA THR A 148 -37.95 -13.82 -26.55
C THR A 148 -37.33 -12.52 -27.05
N ALA A 149 -37.82 -11.40 -26.51
CA ALA A 149 -37.31 -10.08 -26.85
C ALA A 149 -37.00 -9.31 -25.57
N ALA A 150 -36.09 -8.35 -25.67
CA ALA A 150 -35.65 -7.54 -24.55
C ALA A 150 -36.08 -6.10 -24.73
N LEU A 151 -36.68 -5.53 -23.69
CA LEU A 151 -37.11 -4.14 -23.72
C LEU A 151 -37.00 -3.56 -22.32
N GLY A 152 -36.95 -2.24 -22.26
CA GLY A 152 -36.85 -1.58 -20.98
C GLY A 152 -36.91 -0.07 -21.13
N CYS A 153 -36.64 0.62 -20.03
CA CYS A 153 -36.60 2.08 -20.00
C CYS A 153 -35.36 2.53 -19.25
N LEU A 154 -34.90 3.74 -19.59
CA LEU A 154 -33.67 4.30 -19.05
C LEU A 154 -34.02 5.43 -18.08
N VAL A 155 -33.72 5.23 -16.81
CA VAL A 155 -33.87 6.28 -15.80
C VAL A 155 -32.58 7.09 -15.80
N LYS A 156 -32.67 8.35 -16.21
CA LYS A 156 -31.49 9.17 -16.46
C LYS A 156 -31.57 10.48 -15.71
N ASP A 157 -30.42 10.93 -15.21
CA ASP A 157 -30.25 12.27 -14.64
C ASP A 157 -31.19 12.49 -13.44
N TYR A 158 -30.98 11.71 -12.39
CA TYR A 158 -31.75 11.84 -11.17
C TYR A 158 -30.80 11.86 -9.97
N PHE A 159 -31.25 12.51 -8.90
CA PHE A 159 -30.46 12.66 -7.67
C PHE A 159 -31.38 13.16 -6.57
N PRO A 160 -31.25 12.65 -5.33
CA PRO A 160 -30.36 11.57 -4.89
C PRO A 160 -30.93 10.18 -5.21
N GLU A 161 -30.39 9.16 -4.54
CA GLU A 161 -30.75 7.75 -4.54
C GLU A 161 -31.72 7.46 -3.40
N PRO A 162 -32.55 6.42 -3.51
CA PRO A 162 -32.70 5.47 -4.63
C PRO A 162 -33.90 5.76 -5.51
N VAL A 163 -34.17 4.90 -6.48
CA VAL A 163 -35.36 4.96 -7.30
C VAL A 163 -35.94 3.55 -7.40
N THR A 164 -37.25 3.47 -7.56
CA THR A 164 -37.96 2.19 -7.65
C THR A 164 -38.59 2.05 -9.02
N VAL A 165 -38.33 0.93 -9.68
CA VAL A 165 -38.84 0.66 -11.02
C VAL A 165 -39.70 -0.61 -10.96
N SER A 166 -40.92 -0.51 -11.46
CA SER A 166 -41.84 -1.63 -11.55
C SER A 166 -42.43 -1.68 -12.95
N TRP A 167 -42.98 -2.84 -13.31
CA TRP A 167 -43.53 -3.06 -14.64
C TRP A 167 -45.00 -3.44 -14.53
N ASN A 168 -45.84 -2.72 -15.28
CA ASN A 168 -47.28 -2.98 -15.33
C ASN A 168 -47.91 -2.98 -13.93
N SER A 169 -47.47 -2.02 -13.10
CA SER A 169 -47.97 -1.87 -11.73
C SER A 169 -47.81 -3.18 -10.93
N GLY A 170 -46.67 -3.84 -11.12
CA GLY A 170 -46.39 -5.07 -10.41
C GLY A 170 -46.90 -6.33 -11.06
N ALA A 171 -47.62 -6.22 -12.19
CA ALA A 171 -48.11 -7.41 -12.87
C ALA A 171 -46.97 -8.24 -13.45
N LEU A 172 -45.94 -7.56 -13.99
CA LEU A 172 -44.80 -8.23 -14.61
C LEU A 172 -43.67 -8.30 -13.59
N THR A 173 -43.47 -9.48 -13.01
CA THR A 173 -42.38 -9.72 -12.06
C THR A 173 -41.35 -10.71 -12.57
N SER A 174 -41.73 -11.64 -13.43
CA SER A 174 -40.78 -12.60 -13.99
C SER A 174 -39.97 -11.95 -15.10
N GLY A 175 -38.67 -12.25 -15.13
CA GLY A 175 -37.81 -11.70 -16.15
C GLY A 175 -37.46 -10.24 -15.96
N VAL A 176 -37.59 -9.71 -14.75
CA VAL A 176 -37.29 -8.31 -14.46
C VAL A 176 -35.92 -8.25 -13.78
N HIS A 177 -35.04 -7.40 -14.31
CA HIS A 177 -33.71 -7.19 -13.73
C HIS A 177 -33.37 -5.72 -13.84
N THR A 178 -33.34 -5.03 -12.70
CA THR A 178 -32.97 -3.62 -12.63
C THR A 178 -31.50 -3.51 -12.25
N PHE A 179 -30.74 -2.76 -13.04
CA PHE A 179 -29.31 -2.64 -12.86
C PHE A 179 -28.97 -1.50 -11.90
N PRO A 180 -27.83 -1.59 -11.21
CA PRO A 180 -27.38 -0.47 -10.37
C PRO A 180 -27.02 0.74 -11.22
N ALA A 181 -27.14 1.91 -10.60
CA ALA A 181 -26.94 3.16 -11.31
C ALA A 181 -25.46 3.52 -11.41
N VAL A 182 -25.16 4.44 -12.34
CA VAL A 182 -23.83 4.99 -12.52
C VAL A 182 -23.84 6.43 -12.03
N LEU A 183 -22.80 6.82 -11.29
CA LEU A 183 -22.62 8.21 -10.88
C LEU A 183 -21.79 8.91 -11.95
N GLN A 184 -22.47 9.66 -12.81
CA GLN A 184 -21.79 10.34 -13.90
C GLN A 184 -20.94 11.50 -13.37
N SER A 185 -20.09 12.02 -14.24
CA SER A 185 -19.24 13.16 -13.87
C SER A 185 -20.06 14.38 -13.51
N SER A 186 -21.30 14.47 -13.99
CA SER A 186 -22.21 15.56 -13.62
C SER A 186 -22.76 15.41 -12.22
N GLY A 187 -22.55 14.27 -11.56
CA GLY A 187 -23.08 14.04 -10.23
C GLY A 187 -24.50 13.54 -10.21
N LEU A 188 -25.05 13.10 -11.34
CA LEU A 188 -26.41 12.62 -11.43
C LEU A 188 -26.41 11.13 -11.74
N TYR A 189 -27.22 10.37 -11.00
CA TYR A 189 -27.28 8.92 -11.19
C TYR A 189 -28.10 8.57 -12.43
N SER A 190 -27.92 7.33 -12.89
CA SER A 190 -28.64 6.83 -14.06
C SER A 190 -28.58 5.32 -14.06
N LEU A 191 -29.75 4.66 -14.05
CA LEU A 191 -29.83 3.22 -14.10
C LEU A 191 -30.78 2.79 -15.21
N SER A 192 -30.85 1.48 -15.44
CA SER A 192 -31.69 0.91 -16.46
C SER A 192 -32.40 -0.33 -15.92
N SER A 193 -33.64 -0.53 -16.36
CA SER A 193 -34.41 -1.72 -16.04
C SER A 193 -34.82 -2.40 -17.34
N VAL A 194 -34.66 -3.72 -17.41
CA VAL A 194 -34.94 -4.47 -18.63
C VAL A 194 -35.80 -5.69 -18.28
N VAL A 195 -36.69 -6.03 -19.20
CA VAL A 195 -37.57 -7.19 -19.05
C VAL A 195 -37.49 -8.03 -20.32
N THR A 196 -37.31 -9.33 -20.15
CA THR A 196 -37.29 -10.27 -21.27
C THR A 196 -38.72 -10.80 -21.47
N VAL A 197 -39.33 -10.41 -22.58
CA VAL A 197 -40.73 -10.75 -22.85
C VAL A 197 -40.80 -11.53 -24.16
N PRO A 198 -41.82 -12.36 -24.36
CA PRO A 198 -41.95 -13.07 -25.64
C PRO A 198 -42.14 -12.09 -26.80
N SER A 199 -41.51 -12.41 -27.92
CA SER A 199 -41.59 -11.53 -29.09
C SER A 199 -42.95 -11.65 -29.78
N SER A 200 -43.64 -12.79 -29.61
CA SER A 200 -44.96 -12.95 -30.22
C SER A 200 -45.96 -11.98 -29.62
N SER A 201 -45.91 -11.80 -28.30
CA SER A 201 -46.83 -10.89 -27.63
C SER A 201 -46.56 -9.42 -27.96
N LEU A 202 -45.40 -9.12 -28.55
CA LEU A 202 -45.10 -7.74 -28.93
C LEU A 202 -46.08 -7.26 -29.99
N GLY A 203 -46.62 -6.06 -29.77
CA GLY A 203 -47.62 -5.48 -30.64
C GLY A 203 -49.03 -5.60 -30.10
N THR A 204 -49.31 -6.64 -29.31
CA THR A 204 -50.61 -6.84 -28.68
C THR A 204 -50.58 -6.56 -27.18
N GLN A 205 -49.52 -6.95 -26.49
CA GLN A 205 -49.38 -6.72 -25.06
C GLN A 205 -48.70 -5.38 -24.82
N THR A 206 -49.25 -4.60 -23.88
CA THR A 206 -48.69 -3.30 -23.54
C THR A 206 -47.72 -3.44 -22.37
N TYR A 207 -46.52 -2.91 -22.55
CA TYR A 207 -45.47 -2.98 -21.54
C TYR A 207 -45.18 -1.57 -21.04
N ILE A 208 -45.49 -1.32 -19.77
CA ILE A 208 -45.31 -0.01 -19.15
C ILE A 208 -44.43 -0.18 -17.92
N CYS A 209 -43.37 0.63 -17.83
CA CYS A 209 -42.49 0.63 -16.67
C CYS A 209 -42.82 1.85 -15.80
N ASN A 210 -42.96 1.61 -14.51
CA ASN A 210 -43.35 2.64 -13.55
C ASN A 210 -42.14 3.03 -12.72
N VAL A 211 -41.79 4.32 -12.73
CA VAL A 211 -40.64 4.84 -12.02
C VAL A 211 -41.14 5.79 -10.94
N ASN A 212 -40.70 5.56 -9.71
CA ASN A 212 -41.08 6.39 -8.57
C ASN A 212 -39.80 6.88 -7.89
N HIS A 213 -39.56 8.19 -7.95
CA HIS A 213 -38.41 8.83 -7.31
C HIS A 213 -38.94 9.62 -6.12
N LYS A 214 -39.00 8.96 -4.96
CA LYS A 214 -39.52 9.61 -3.76
C LYS A 214 -38.77 10.87 -3.34
N PRO A 215 -37.43 10.94 -3.40
CA PRO A 215 -36.76 12.19 -2.98
C PRO A 215 -37.24 13.43 -3.73
N SER A 216 -37.68 13.29 -4.98
CA SER A 216 -38.25 14.40 -5.72
C SER A 216 -39.75 14.29 -5.90
N ASN A 217 -40.38 13.25 -5.32
CA ASN A 217 -41.82 13.02 -5.46
C ASN A 217 -42.23 12.94 -6.93
N THR A 218 -41.38 12.35 -7.75
CA THR A 218 -41.60 12.23 -9.19
C THR A 218 -42.00 10.79 -9.51
N LYS A 219 -43.23 10.62 -9.99
CA LYS A 219 -43.73 9.32 -10.43
C LYS A 219 -44.14 9.44 -11.88
N VAL A 220 -43.54 8.62 -12.74
CA VAL A 220 -43.78 8.66 -14.18
C VAL A 220 -43.87 7.23 -14.70
N ASP A 221 -44.82 7.00 -15.61
CA ASP A 221 -45.00 5.70 -16.26
C ASP A 221 -44.78 5.87 -17.75
N LYS A 222 -43.99 4.98 -18.34
CA LYS A 222 -43.60 5.06 -19.73
C LYS A 222 -43.97 3.78 -20.46
N ARG A 223 -44.63 3.93 -21.62
CA ARG A 223 -44.97 2.80 -22.46
C ARG A 223 -43.84 2.55 -23.45
N VAL A 224 -43.34 1.32 -23.47
CA VAL A 224 -42.26 0.93 -24.36
C VAL A 224 -42.88 0.17 -25.54
N GLU A 225 -42.96 0.83 -26.69
CA GLU A 225 -43.55 0.26 -27.89
C GLU A 225 -42.47 -0.02 -28.93
N PRO A 226 -42.67 -1.04 -29.78
CA PRO A 226 -41.62 -1.43 -30.73
C PRO A 226 -41.20 -0.31 -31.67
N LYS A 227 -42.13 0.20 -32.46
CA LYS A 227 -41.84 1.24 -33.44
C LYS A 227 -43.05 2.13 -33.68
N SER B 2 7.24 3.55 -8.03
CA SER B 2 7.08 2.20 -8.55
C SER B 2 5.63 1.93 -8.95
N VAL B 3 5.44 0.95 -9.83
CA VAL B 3 4.12 0.52 -10.27
C VAL B 3 4.03 -0.99 -10.08
N LEU B 4 2.99 -1.44 -9.37
CA LEU B 4 2.76 -2.85 -9.10
C LEU B 4 1.56 -3.32 -9.91
N THR B 5 1.75 -4.39 -10.67
CA THR B 5 0.71 -4.92 -11.56
C THR B 5 0.17 -6.22 -10.96
N GLN B 6 -1.16 -6.30 -10.86
CA GLN B 6 -1.85 -7.46 -10.32
C GLN B 6 -2.91 -7.92 -11.30
N PRO B 7 -3.13 -9.23 -11.43
CA PRO B 7 -4.22 -9.73 -12.27
C PRO B 7 -5.56 -9.23 -11.76
N PRO B 8 -6.47 -8.85 -12.65
CA PRO B 8 -7.79 -8.37 -12.20
C PRO B 8 -8.58 -9.41 -11.42
N SER B 9 -8.45 -10.69 -11.76
CA SER B 9 -9.20 -11.73 -11.07
C SER B 9 -8.45 -13.05 -11.18
N VAL B 10 -8.52 -13.84 -10.11
CA VAL B 10 -7.93 -15.17 -10.06
C VAL B 10 -8.98 -16.14 -9.53
N SER B 11 -9.20 -17.23 -10.26
CA SER B 11 -10.23 -18.21 -9.92
C SER B 11 -9.58 -19.49 -9.42
N VAL B 12 -10.05 -19.99 -8.29
CA VAL B 12 -9.54 -21.23 -7.71
C VAL B 12 -10.73 -22.03 -7.18
N ALA B 13 -10.72 -23.34 -7.45
CA ALA B 13 -11.72 -24.22 -6.87
C ALA B 13 -11.38 -24.52 -5.41
N PRO B 14 -12.39 -24.78 -4.58
CA PRO B 14 -12.11 -25.11 -3.17
C PRO B 14 -11.20 -26.33 -3.06
N GLY B 15 -10.24 -26.24 -2.15
CA GLY B 15 -9.29 -27.30 -1.92
C GLY B 15 -8.00 -27.18 -2.71
N GLN B 16 -7.97 -26.38 -3.77
CA GLN B 16 -6.78 -26.20 -4.57
C GLN B 16 -5.92 -25.08 -3.98
N THR B 17 -4.86 -24.70 -4.68
CA THR B 17 -3.94 -23.66 -4.24
C THR B 17 -3.95 -22.52 -5.25
N ALA B 18 -4.14 -21.29 -4.76
CA ALA B 18 -4.22 -20.11 -5.59
C ALA B 18 -2.99 -19.23 -5.38
N THR B 19 -2.47 -18.68 -6.47
CA THR B 19 -1.27 -17.85 -6.44
C THR B 19 -1.60 -16.51 -7.09
N ILE B 20 -1.35 -15.43 -6.36
CA ILE B 20 -1.58 -14.06 -6.84
C ILE B 20 -0.22 -13.44 -7.12
N THR B 21 -0.11 -12.77 -8.27
CA THR B 21 1.16 -12.24 -8.75
C THR B 21 1.17 -10.71 -8.65
N CYS B 22 2.29 -10.17 -8.20
CA CYS B 22 2.50 -8.72 -8.11
C CYS B 22 3.86 -8.40 -8.70
N GLY B 23 3.88 -7.74 -9.86
CA GLY B 23 5.10 -7.52 -10.61
C GLY B 23 5.63 -6.10 -10.50
N GLY B 24 6.89 -5.95 -10.92
CA GLY B 24 7.57 -4.67 -10.88
C GLY B 24 8.99 -4.80 -10.37
N ASN B 25 9.78 -3.73 -10.47
CA ASN B 25 11.15 -3.75 -9.98
C ASN B 25 11.16 -3.70 -8.45
N ASN B 26 11.10 -4.86 -7.81
CA ASN B 26 10.89 -4.95 -6.37
C ASN B 26 12.04 -5.62 -5.64
N ILE B 27 13.17 -5.89 -6.31
CA ILE B 27 14.39 -6.39 -5.69
C ILE B 27 14.08 -7.72 -4.98
N GLY B 28 14.94 -8.12 -4.06
CA GLY B 28 14.82 -9.42 -3.43
C GLY B 28 13.71 -9.56 -2.39
N ARG B 29 13.70 -8.68 -1.38
CA ARG B 29 12.70 -8.75 -0.32
C ARG B 29 11.79 -7.54 -0.31
N LYS B 30 12.34 -6.34 -0.13
CA LYS B 30 11.60 -5.07 -0.08
C LYS B 30 10.27 -5.21 0.64
N ARG B 31 10.30 -5.84 1.81
CA ARG B 31 9.13 -6.03 2.66
C ARG B 31 8.03 -6.80 1.92
N VAL B 32 7.30 -6.11 1.03
CA VAL B 32 6.17 -6.67 0.29
C VAL B 32 5.08 -7.11 1.26
N ASP B 33 4.07 -6.26 1.43
CA ASP B 33 2.98 -6.53 2.35
C ASP B 33 1.70 -6.75 1.56
N TRP B 34 0.93 -7.76 1.97
CA TRP B 34 -0.33 -8.11 1.33
C TRP B 34 -1.50 -7.76 2.23
N PHE B 35 -2.58 -7.30 1.61
CA PHE B 35 -3.78 -6.90 2.34
C PHE B 35 -4.99 -7.63 1.76
N GLN B 36 -5.99 -7.82 2.62
CA GLN B 36 -7.23 -8.48 2.25
C GLN B 36 -8.39 -7.51 2.44
N GLN B 37 -9.20 -7.33 1.40
CA GLN B 37 -10.35 -6.43 1.44
C GLN B 37 -11.58 -7.20 1.03
N LYS B 38 -12.44 -7.52 2.00
CA LYS B 38 -13.75 -8.07 1.72
C LYS B 38 -14.71 -6.96 1.33
N PRO B 39 -15.76 -7.28 0.58
CA PRO B 39 -16.71 -6.24 0.16
C PRO B 39 -17.28 -5.49 1.35
N GLY B 40 -17.31 -4.16 1.23
CA GLY B 40 -17.81 -3.31 2.30
C GLY B 40 -17.04 -3.44 3.60
N GLN B 41 -15.72 -3.53 3.53
CA GLN B 41 -14.89 -3.68 4.71
C GLN B 41 -13.55 -3.03 4.49
N ALA B 42 -12.91 -2.60 5.58
CA ALA B 42 -11.59 -2.01 5.50
C ALA B 42 -10.55 -3.10 5.21
N PRO B 43 -9.48 -2.75 4.50
CA PRO B 43 -8.42 -3.73 4.24
C PRO B 43 -7.78 -4.22 5.53
N VAL B 44 -7.38 -5.49 5.53
CA VAL B 44 -6.72 -6.11 6.67
C VAL B 44 -5.44 -6.77 6.18
N LEU B 45 -4.37 -6.61 6.96
CA LEU B 45 -3.07 -7.18 6.62
C LEU B 45 -3.08 -8.68 6.91
N VAL B 46 -2.60 -9.47 5.95
CA VAL B 46 -2.60 -10.92 6.04
C VAL B 46 -1.21 -11.49 6.24
N VAL B 47 -0.23 -11.00 5.46
CA VAL B 47 1.16 -11.43 5.59
C VAL B 47 2.06 -10.20 5.48
N TYR B 48 3.18 -10.24 6.19
CA TYR B 48 4.16 -9.17 6.15
C TYR B 48 5.56 -9.77 6.24
N GLU B 49 6.55 -8.99 5.77
CA GLU B 49 7.95 -9.41 5.78
C GLU B 49 8.13 -10.75 5.10
N ASP B 50 8.61 -11.74 5.85
CA ASP B 50 8.72 -13.12 5.37
C ASP B 50 7.61 -13.94 6.01
N SER B 51 6.58 -14.26 5.23
CA SER B 51 5.38 -14.93 5.71
C SER B 51 4.75 -14.13 6.85
N ASP B 52 4.93 -14.59 8.09
CA ASP B 52 4.60 -13.82 9.30
C ASP B 52 3.12 -13.44 9.34
N ARG B 53 2.28 -14.45 9.49
CA ARG B 53 0.85 -14.22 9.67
C ARG B 53 0.60 -13.60 11.04
N PRO B 54 0.04 -12.38 11.10
CA PRO B 54 0.07 -11.62 12.36
C PRO B 54 -0.78 -12.18 13.50
N SER B 55 -2.09 -12.34 13.30
CA SER B 55 -3.00 -12.57 14.42
C SER B 55 -3.76 -13.88 14.30
N GLY B 56 -4.54 -14.08 13.25
CA GLY B 56 -5.33 -15.28 13.09
C GLY B 56 -5.35 -15.76 11.66
N ILE B 57 -4.52 -15.13 10.83
CA ILE B 57 -4.44 -15.55 9.42
C ILE B 57 -3.93 -16.99 9.36
N PRO B 58 -4.60 -17.88 8.64
CA PRO B 58 -4.18 -19.29 8.64
C PRO B 58 -2.80 -19.48 8.06
N GLU B 59 -2.16 -20.58 8.47
CA GLU B 59 -0.82 -20.93 7.97
C GLU B 59 -0.82 -21.21 6.48
N ARG B 60 -2.00 -21.38 5.86
CA ARG B 60 -2.10 -21.56 4.42
C ARG B 60 -1.61 -20.35 3.64
N PHE B 61 -1.49 -19.19 4.28
CA PHE B 61 -1.04 -17.98 3.61
C PHE B 61 0.48 -17.88 3.70
N SER B 62 1.12 -17.62 2.57
CA SER B 62 2.57 -17.49 2.51
C SER B 62 2.94 -16.47 1.44
N ASP B 63 4.00 -15.71 1.70
CA ASP B 63 4.48 -14.67 0.80
C ASP B 63 5.89 -15.01 0.37
N SER B 64 6.07 -15.32 -0.91
CA SER B 64 7.37 -15.61 -1.50
C SER B 64 7.63 -14.64 -2.64
N ASN B 65 8.82 -14.05 -2.66
CA ASN B 65 9.14 -13.09 -3.71
C ASN B 65 9.61 -13.79 -4.98
N SER B 66 10.75 -14.48 -4.90
CA SER B 66 11.32 -15.21 -6.05
C SER B 66 11.63 -14.24 -7.21
N GLY B 67 12.57 -13.33 -6.95
CA GLY B 67 13.08 -12.46 -7.99
C GLY B 67 12.47 -11.08 -8.03
N THR B 68 12.13 -10.61 -9.24
CA THR B 68 11.52 -9.29 -9.44
C THR B 68 10.00 -9.35 -9.46
N THR B 69 9.41 -10.27 -8.70
CA THR B 69 7.97 -10.45 -8.66
C THR B 69 7.58 -10.73 -7.21
N ALA B 70 6.34 -10.40 -6.86
CA ALA B 70 5.79 -10.71 -5.54
C ALA B 70 4.67 -11.73 -5.71
N THR B 71 4.70 -12.78 -4.89
CA THR B 71 3.76 -13.89 -5.00
C THR B 71 3.10 -14.13 -3.66
N LEU B 72 1.77 -14.20 -3.65
CA LEU B 72 0.99 -14.58 -2.48
C LEU B 72 0.32 -15.93 -2.76
N THR B 73 0.52 -16.88 -1.84
CA THR B 73 0.03 -18.24 -2.01
C THR B 73 -0.92 -18.59 -0.88
N ILE B 74 -2.11 -19.07 -1.25
CA ILE B 74 -3.10 -19.57 -0.30
C ILE B 74 -3.37 -21.02 -0.66
N SER B 75 -3.17 -21.91 0.30
CA SER B 75 -3.41 -23.34 0.12
C SER B 75 -4.75 -23.72 0.75
N ARG B 76 -5.37 -24.75 0.18
CA ARG B 76 -6.67 -25.24 0.65
C ARG B 76 -7.67 -24.09 0.77
N VAL B 77 -7.93 -23.45 -0.37
CA VAL B 77 -8.76 -22.26 -0.40
C VAL B 77 -10.17 -22.60 0.06
N GLU B 78 -10.71 -21.80 0.96
CA GLU B 78 -12.06 -21.97 1.49
C GLU B 78 -12.93 -20.80 1.03
N ALA B 79 -14.19 -20.82 1.45
CA ALA B 79 -15.12 -19.76 1.08
C ALA B 79 -14.71 -18.42 1.69
N GLY B 80 -14.19 -18.44 2.92
CA GLY B 80 -13.83 -17.21 3.60
C GLY B 80 -12.69 -16.46 2.95
N ASP B 81 -11.88 -17.13 2.15
CA ASP B 81 -10.74 -16.48 1.48
C ASP B 81 -11.16 -15.62 0.30
N GLU B 82 -12.42 -15.67 -0.11
CA GLU B 82 -12.90 -14.87 -1.24
C GLU B 82 -12.91 -13.40 -0.85
N ALA B 83 -12.01 -12.63 -1.45
CA ALA B 83 -11.90 -11.19 -1.20
C ALA B 83 -11.00 -10.60 -2.28
N ASP B 84 -10.66 -9.32 -2.14
CA ASP B 84 -9.73 -8.65 -3.03
C ASP B 84 -8.41 -8.46 -2.30
N TYR B 85 -7.32 -8.89 -2.94
CA TYR B 85 -6.00 -8.87 -2.33
C TYR B 85 -5.12 -7.86 -3.04
N TYR B 86 -4.40 -7.06 -2.26
CA TYR B 86 -3.53 -6.01 -2.77
C TYR B 86 -2.10 -6.25 -2.31
N CYS B 87 -1.14 -5.84 -3.13
CA CYS B 87 0.27 -5.91 -2.78
C CYS B 87 0.80 -4.50 -2.56
N GLN B 88 1.66 -4.35 -1.56
CA GLN B 88 2.17 -3.05 -1.17
C GLN B 88 3.67 -3.12 -0.90
N VAL B 89 4.42 -2.20 -1.50
CA VAL B 89 5.85 -2.09 -1.25
C VAL B 89 6.17 -0.66 -0.82
N TRP B 90 7.44 -0.40 -0.51
CA TRP B 90 7.90 0.91 -0.08
C TRP B 90 9.03 1.34 -1.01
N ASP B 91 8.70 2.20 -1.99
CA ASP B 91 9.72 2.74 -2.88
C ASP B 91 10.63 3.67 -2.09
N SER B 92 11.87 3.23 -1.86
CA SER B 92 12.81 3.99 -1.05
C SER B 92 13.43 5.16 -1.81
N ASP B 93 13.10 5.34 -3.07
CA ASP B 93 13.54 6.52 -3.82
C ASP B 93 12.69 7.75 -3.52
N SER B 94 11.49 7.56 -2.96
CA SER B 94 10.64 8.67 -2.57
C SER B 94 9.95 8.47 -1.24
N ASP B 95 10.12 7.33 -0.58
CA ASP B 95 9.42 6.98 0.65
C ASP B 95 7.90 7.09 0.47
N HIS B 96 7.42 6.48 -0.61
CA HIS B 96 6.00 6.46 -0.93
C HIS B 96 5.49 5.04 -0.90
N VAL B 97 4.33 4.83 -0.27
CA VAL B 97 3.79 3.50 -0.04
C VAL B 97 2.84 3.20 -1.20
N VAL B 98 3.41 2.70 -2.29
CA VAL B 98 2.63 2.43 -3.50
C VAL B 98 1.88 1.12 -3.35
N PHE B 99 0.58 1.15 -3.63
CA PHE B 99 -0.28 -0.02 -3.56
C PHE B 99 -0.41 -0.68 -4.93
N GLY B 100 -0.90 -1.93 -4.91
CA GLY B 100 -1.12 -2.66 -6.14
C GLY B 100 -2.48 -2.42 -6.76
N GLY B 101 -2.66 -2.93 -7.97
CA GLY B 101 -3.93 -2.77 -8.66
C GLY B 101 -5.07 -3.49 -7.99
N GLY B 102 -4.83 -4.71 -7.52
CA GLY B 102 -5.86 -5.50 -6.86
C GLY B 102 -6.22 -6.75 -7.63
N THR B 103 -6.56 -7.81 -6.90
CA THR B 103 -6.92 -9.08 -7.51
C THR B 103 -8.16 -9.62 -6.82
N LYS B 104 -9.21 -9.90 -7.59
CA LYS B 104 -10.44 -10.50 -7.07
C LYS B 104 -10.26 -12.01 -7.07
N LEU B 105 -10.04 -12.57 -5.89
CA LEU B 105 -9.89 -14.02 -5.75
C LEU B 105 -11.27 -14.66 -5.64
N THR B 106 -11.66 -15.39 -6.67
CA THR B 106 -12.97 -16.02 -6.73
C THR B 106 -12.84 -17.50 -6.40
N VAL B 107 -13.51 -17.92 -5.33
CA VAL B 107 -13.59 -19.34 -4.97
C VAL B 107 -14.80 -19.92 -5.67
N LEU B 108 -14.56 -20.72 -6.72
CA LEU B 108 -15.61 -21.21 -7.59
C LEU B 108 -16.62 -22.06 -6.83
N GLY B 109 -17.86 -21.59 -6.72
CA GLY B 109 -18.91 -22.33 -6.06
C GLY B 109 -19.99 -22.78 -7.01
N GLN B 110 -20.07 -22.13 -8.17
CA GLN B 110 -20.99 -22.47 -9.23
C GLN B 110 -20.24 -22.53 -10.54
N PRO B 111 -20.75 -23.25 -11.54
CA PRO B 111 -20.03 -23.36 -12.82
C PRO B 111 -19.82 -22.00 -13.47
N LYS B 112 -18.66 -21.86 -14.11
CA LYS B 112 -18.31 -20.60 -14.75
C LYS B 112 -19.20 -20.34 -15.95
N ALA B 113 -19.72 -19.11 -16.05
CA ALA B 113 -20.66 -18.74 -17.09
C ALA B 113 -20.01 -17.76 -18.07
N ALA B 114 -20.77 -17.38 -19.08
CA ALA B 114 -20.34 -16.45 -20.11
C ALA B 114 -21.24 -15.24 -20.14
N PRO B 115 -20.70 -14.04 -20.38
CA PRO B 115 -21.53 -12.84 -20.33
C PRO B 115 -22.57 -12.80 -21.43
N SER B 116 -23.72 -12.21 -21.11
CA SER B 116 -24.79 -11.96 -22.07
C SER B 116 -24.90 -10.45 -22.28
N VAL B 117 -24.81 -10.02 -23.54
CA VAL B 117 -24.72 -8.61 -23.89
C VAL B 117 -25.96 -8.22 -24.67
N THR B 118 -26.59 -7.12 -24.25
CA THR B 118 -27.71 -6.53 -24.98
C THR B 118 -27.48 -5.02 -25.06
N LEU B 119 -27.34 -4.52 -26.28
CA LEU B 119 -27.04 -3.12 -26.53
C LEU B 119 -28.25 -2.42 -27.12
N PHE B 120 -28.61 -1.28 -26.54
CA PHE B 120 -29.78 -0.52 -26.97
C PHE B 120 -29.35 0.81 -27.56
N PRO B 121 -29.79 1.12 -28.78
CA PRO B 121 -29.46 2.42 -29.38
C PRO B 121 -30.23 3.54 -28.69
N PRO B 122 -29.79 4.79 -28.87
CA PRO B 122 -30.52 5.91 -28.25
C PRO B 122 -31.97 5.97 -28.73
N SER B 123 -32.86 6.30 -27.81
CA SER B 123 -34.29 6.34 -28.11
C SER B 123 -34.65 7.60 -28.89
N SER B 124 -35.83 7.56 -29.51
CA SER B 124 -36.30 8.71 -30.27
C SER B 124 -36.57 9.91 -29.35
N GLU B 125 -37.13 9.66 -28.18
CA GLU B 125 -37.43 10.75 -27.25
C GLU B 125 -36.15 11.39 -26.72
N GLU B 126 -35.14 10.58 -26.41
CA GLU B 126 -33.89 11.13 -25.88
C GLU B 126 -33.19 12.02 -26.91
N LEU B 127 -33.21 11.60 -28.18
CA LEU B 127 -32.64 12.43 -29.24
C LEU B 127 -33.39 13.75 -29.38
N GLN B 128 -34.68 13.76 -29.02
CA GLN B 128 -35.46 14.99 -29.06
C GLN B 128 -35.09 15.97 -27.95
N ALA B 129 -34.33 15.53 -26.95
CA ALA B 129 -33.91 16.37 -25.83
C ALA B 129 -32.43 16.74 -25.93
N ASN B 130 -31.89 16.75 -27.15
CA ASN B 130 -30.48 17.10 -27.39
C ASN B 130 -29.54 16.19 -26.60
N LYS B 131 -29.89 14.91 -26.53
CA LYS B 131 -29.10 13.93 -25.78
C LYS B 131 -29.09 12.61 -26.53
N ALA B 132 -28.07 11.81 -26.26
CA ALA B 132 -27.94 10.49 -26.89
C ALA B 132 -27.12 9.60 -25.98
N THR B 133 -27.68 8.47 -25.59
CA THR B 133 -27.00 7.54 -24.69
C THR B 133 -27.15 6.12 -25.21
N LEU B 134 -26.06 5.36 -25.18
CA LEU B 134 -26.07 3.95 -25.53
C LEU B 134 -25.98 3.12 -24.26
N VAL B 135 -26.90 2.17 -24.11
CA VAL B 135 -26.99 1.34 -22.91
C VAL B 135 -26.52 -0.07 -23.25
N CYS B 136 -25.43 -0.49 -22.62
CA CYS B 136 -24.91 -1.84 -22.77
C CYS B 136 -25.09 -2.57 -21.46
N LEU B 137 -25.86 -3.66 -21.49
CA LEU B 137 -26.21 -4.41 -20.29
C LEU B 137 -25.54 -5.79 -20.34
N ILE B 138 -24.84 -6.12 -19.26
CA ILE B 138 -24.13 -7.39 -19.13
C ILE B 138 -24.74 -8.15 -17.96
N SER B 139 -25.04 -9.43 -18.17
CA SER B 139 -25.69 -10.23 -17.13
C SER B 139 -25.29 -11.69 -17.28
N ASP B 140 -25.48 -12.42 -16.19
CA ASP B 140 -25.28 -13.88 -16.17
C ASP B 140 -23.87 -14.28 -16.56
N PHE B 141 -22.88 -13.65 -15.93
CA PHE B 141 -21.48 -14.01 -16.11
C PHE B 141 -20.86 -14.31 -14.76
N TYR B 142 -19.94 -15.28 -14.75
CA TYR B 142 -19.29 -15.76 -13.54
C TYR B 142 -17.93 -16.30 -13.95
N PRO B 143 -16.85 -15.92 -13.25
CA PRO B 143 -16.76 -15.02 -12.09
C PRO B 143 -17.12 -13.56 -12.41
N GLY B 144 -17.38 -12.76 -11.38
CA GLY B 144 -17.80 -11.38 -11.57
C GLY B 144 -16.67 -10.42 -11.87
N ALA B 145 -16.05 -10.56 -13.04
CA ALA B 145 -14.97 -9.67 -13.46
C ALA B 145 -14.99 -9.60 -14.98
N VAL B 146 -15.30 -8.42 -15.53
CA VAL B 146 -15.38 -8.22 -16.96
C VAL B 146 -14.68 -6.91 -17.32
N THR B 147 -14.31 -6.80 -18.59
CA THR B 147 -13.74 -5.58 -19.14
C THR B 147 -14.60 -5.13 -20.31
N VAL B 148 -14.96 -3.85 -20.33
CA VAL B 148 -15.83 -3.28 -21.34
C VAL B 148 -15.04 -2.25 -22.15
N ALA B 149 -15.08 -2.37 -23.47
CA ALA B 149 -14.41 -1.44 -24.37
C ALA B 149 -15.38 -1.07 -25.48
N TRP B 150 -15.65 0.23 -25.64
CA TRP B 150 -16.55 0.71 -26.67
C TRP B 150 -15.78 1.05 -27.94
N LYS B 151 -16.42 0.82 -29.08
CA LYS B 151 -15.83 1.09 -30.38
C LYS B 151 -16.83 1.85 -31.25
N ALA B 152 -16.29 2.74 -32.09
CA ALA B 152 -17.08 3.53 -33.03
C ALA B 152 -16.42 3.46 -34.39
N ASP B 153 -17.00 2.67 -35.29
CA ASP B 153 -16.43 2.41 -36.62
C ASP B 153 -15.00 1.89 -36.50
N SER B 154 -14.84 0.89 -35.63
CA SER B 154 -13.58 0.20 -35.32
C SER B 154 -12.58 1.08 -34.58
N SER B 155 -12.94 2.33 -34.26
CA SER B 155 -12.04 3.22 -33.53
C SER B 155 -12.36 3.15 -32.04
N PRO B 156 -11.40 2.80 -31.18
CA PRO B 156 -11.68 2.76 -29.73
C PRO B 156 -12.12 4.13 -29.22
N VAL B 157 -13.09 4.10 -28.31
CA VAL B 157 -13.67 5.31 -27.73
C VAL B 157 -13.63 5.18 -26.21
N LYS B 158 -13.08 6.20 -25.54
CA LYS B 158 -13.00 6.22 -24.09
C LYS B 158 -13.63 7.46 -23.48
N ALA B 159 -14.32 8.27 -24.28
CA ALA B 159 -14.94 9.50 -23.81
C ALA B 159 -16.40 9.26 -23.49
N GLY B 160 -16.80 9.60 -22.26
CA GLY B 160 -18.17 9.44 -21.84
C GLY B 160 -18.56 8.02 -21.46
N VAL B 161 -17.60 7.15 -21.21
CA VAL B 161 -17.88 5.76 -20.86
C VAL B 161 -17.98 5.64 -19.35
N GLU B 162 -19.11 5.12 -18.88
CA GLU B 162 -19.33 4.85 -17.46
C GLU B 162 -19.79 3.42 -17.29
N THR B 163 -19.23 2.72 -16.31
CA THR B 163 -19.52 1.30 -16.13
C THR B 163 -19.69 0.99 -14.65
N THR B 164 -20.77 0.29 -14.32
CA THR B 164 -20.95 -0.20 -12.96
C THR B 164 -20.01 -1.37 -12.67
N THR B 165 -19.61 -1.47 -11.41
CA THR B 165 -18.87 -2.64 -10.98
C THR B 165 -19.81 -3.84 -10.93
N PRO B 166 -19.30 -5.04 -11.21
CA PRO B 166 -20.16 -6.23 -11.19
C PRO B 166 -20.81 -6.42 -9.83
N SER B 167 -22.08 -6.83 -9.85
CA SER B 167 -22.85 -7.05 -8.64
C SER B 167 -23.55 -8.40 -8.73
N LYS B 168 -23.68 -9.07 -7.59
CA LYS B 168 -24.30 -10.39 -7.56
C LYS B 168 -25.81 -10.27 -7.77
N GLN B 169 -26.33 -11.03 -8.72
CA GLN B 169 -27.74 -10.97 -9.07
C GLN B 169 -28.55 -11.94 -8.22
N SER B 170 -29.82 -12.13 -8.58
CA SER B 170 -30.66 -13.10 -7.91
C SER B 170 -30.15 -14.52 -8.11
N ASN B 171 -29.69 -14.84 -9.33
CA ASN B 171 -29.20 -16.18 -9.65
C ASN B 171 -27.76 -16.42 -9.20
N ASN B 172 -27.24 -15.59 -8.29
CA ASN B 172 -25.89 -15.66 -7.74
C ASN B 172 -24.81 -15.43 -8.78
N LYS B 173 -25.16 -15.10 -10.02
CA LYS B 173 -24.21 -14.67 -11.02
C LYS B 173 -23.94 -13.18 -10.84
N TYR B 174 -23.25 -12.56 -11.80
CA TYR B 174 -22.90 -11.15 -11.69
C TYR B 174 -23.40 -10.38 -12.91
N ALA B 175 -23.72 -9.11 -12.69
CA ALA B 175 -24.24 -8.25 -13.74
C ALA B 175 -23.54 -6.89 -13.69
N ALA B 176 -23.48 -6.24 -14.84
CA ALA B 176 -22.88 -4.91 -14.95
C ALA B 176 -23.50 -4.19 -16.14
N SER B 177 -23.38 -2.87 -16.13
CA SER B 177 -23.92 -2.04 -17.20
C SER B 177 -22.89 -0.99 -17.60
N SER B 178 -22.91 -0.63 -18.87
CA SER B 178 -22.02 0.40 -19.41
C SER B 178 -22.83 1.37 -20.25
N TYR B 179 -22.42 2.63 -20.21
CA TYR B 179 -23.13 3.71 -20.90
C TYR B 179 -22.15 4.54 -21.72
N LEU B 180 -22.62 5.01 -22.87
CA LEU B 180 -21.85 5.92 -23.74
C LEU B 180 -22.66 7.20 -23.92
N SER B 181 -22.17 8.29 -23.35
CA SER B 181 -22.83 9.58 -23.47
C SER B 181 -22.27 10.32 -24.68
N LEU B 182 -23.12 10.56 -25.67
CA LEU B 182 -22.72 11.20 -26.92
C LEU B 182 -23.72 12.28 -27.28
N THR B 183 -23.25 13.24 -28.08
CA THR B 183 -24.15 14.25 -28.62
C THR B 183 -24.99 13.64 -29.74
N PRO B 184 -26.18 14.21 -30.00
CA PRO B 184 -26.99 13.70 -31.11
C PRO B 184 -26.27 13.74 -32.45
N GLU B 185 -25.45 14.78 -32.69
CA GLU B 185 -24.69 14.85 -33.92
C GLU B 185 -23.68 13.72 -34.01
N GLN B 186 -23.02 13.40 -32.90
CA GLN B 186 -22.01 12.33 -32.88
C GLN B 186 -22.64 10.96 -33.11
N TRP B 187 -23.87 10.75 -32.63
CA TRP B 187 -24.49 9.43 -32.72
C TRP B 187 -24.73 9.03 -34.18
N LYS B 188 -25.27 9.94 -34.99
CA LYS B 188 -25.54 9.66 -36.39
C LYS B 188 -24.39 10.02 -37.31
N SER B 189 -23.32 10.64 -36.79
CA SER B 189 -22.15 10.90 -37.62
C SER B 189 -21.45 9.61 -38.01
N HIS B 190 -21.28 8.69 -37.05
CA HIS B 190 -20.64 7.41 -37.33
C HIS B 190 -21.65 6.42 -37.89
N ARG B 191 -21.15 5.47 -38.67
CA ARG B 191 -22.02 4.49 -39.30
C ARG B 191 -22.50 3.42 -38.33
N SER B 192 -21.68 3.05 -37.34
CA SER B 192 -22.05 2.01 -36.40
C SER B 192 -21.36 2.26 -35.06
N TYR B 193 -21.92 1.65 -34.02
CA TYR B 193 -21.37 1.71 -32.67
C TYR B 193 -21.40 0.31 -32.08
N SER B 194 -20.31 -0.10 -31.44
CA SER B 194 -20.17 -1.45 -30.94
C SER B 194 -19.79 -1.43 -29.46
N CYS B 195 -20.35 -2.38 -28.71
CA CYS B 195 -20.03 -2.58 -27.30
C CYS B 195 -19.36 -3.94 -27.17
N GLN B 196 -18.13 -3.95 -26.65
CA GLN B 196 -17.33 -5.16 -26.53
C GLN B 196 -17.11 -5.49 -25.06
N VAL B 197 -17.44 -6.73 -24.68
CA VAL B 197 -17.27 -7.21 -23.31
C VAL B 197 -16.35 -8.41 -23.34
N THR B 198 -15.30 -8.39 -22.54
CA THR B 198 -14.34 -9.47 -22.43
C THR B 198 -14.43 -10.10 -21.05
N HIS B 199 -14.60 -11.43 -21.02
CA HIS B 199 -14.71 -12.16 -19.76
C HIS B 199 -13.95 -13.47 -19.89
N GLU B 200 -12.96 -13.67 -19.02
CA GLU B 200 -12.16 -14.90 -18.98
C GLU B 200 -11.53 -15.19 -20.34
N GLY B 201 -11.04 -14.16 -21.00
CA GLY B 201 -10.45 -14.30 -22.32
C GLY B 201 -11.42 -14.13 -23.47
N SER B 202 -12.56 -14.80 -23.41
CA SER B 202 -13.55 -14.71 -24.47
C SER B 202 -14.14 -13.29 -24.53
N THR B 203 -14.51 -12.88 -25.74
CA THR B 203 -15.05 -11.55 -25.97
C THR B 203 -16.38 -11.67 -26.72
N VAL B 204 -17.39 -10.97 -26.23
CA VAL B 204 -18.71 -10.91 -26.86
C VAL B 204 -18.97 -9.47 -27.28
N GLU B 205 -19.32 -9.29 -28.55
CA GLU B 205 -19.48 -7.97 -29.14
C GLU B 205 -20.93 -7.78 -29.60
N LYS B 206 -21.49 -6.61 -29.28
CA LYS B 206 -22.81 -6.22 -29.75
C LYS B 206 -22.70 -4.88 -30.45
N THR B 207 -23.30 -4.76 -31.63
CA THR B 207 -23.18 -3.58 -32.46
C THR B 207 -24.56 -3.08 -32.88
N VAL B 208 -24.75 -1.77 -32.81
CA VAL B 208 -25.97 -1.12 -33.25
C VAL B 208 -25.62 0.03 -34.19
N ALA B 209 -26.56 0.37 -35.06
CA ALA B 209 -26.39 1.44 -36.02
C ALA B 209 -27.61 2.34 -36.00
N PRO B 210 -27.45 3.62 -36.37
CA PRO B 210 -28.61 4.52 -36.42
C PRO B 210 -29.63 4.11 -37.46
N THR B 211 -30.80 3.66 -37.02
CA THR B 211 -31.88 3.21 -37.89
C THR B 211 -31.40 2.21 -38.95
N ALA C 1 53.14 -15.93 24.08
CA ALA C 1 51.89 -16.49 23.59
C ALA C 1 51.36 -15.69 22.41
N PRO C 2 50.90 -16.38 21.38
CA PRO C 2 50.33 -15.70 20.21
C PRO C 2 48.81 -15.57 20.32
N LEU C 3 48.25 -14.81 19.37
CA LEU C 3 46.81 -14.63 19.25
C LEU C 3 46.40 -15.15 17.87
N GLN C 4 45.78 -16.33 17.84
CA GLN C 4 45.29 -16.92 16.60
C GLN C 4 43.85 -16.52 16.38
N LEU C 5 43.56 -15.94 15.20
CA LEU C 5 42.22 -15.45 14.90
C LEU C 5 41.72 -16.08 13.59
N GLY C 6 41.22 -17.31 13.69
CA GLY C 6 40.44 -17.97 12.65
C GLY C 6 40.84 -17.66 11.22
N ASN C 7 39.85 -17.33 10.39
CA ASN C 7 40.10 -16.65 9.14
C ASN C 7 40.09 -15.13 9.31
N CYS C 8 39.76 -14.65 10.50
CA CYS C 8 39.43 -13.26 10.74
C CYS C 8 40.68 -12.38 10.76
N SER C 9 40.46 -11.08 10.70
CA SER C 9 41.51 -10.08 10.79
C SER C 9 41.47 -9.42 12.17
N ILE C 10 42.35 -8.43 12.35
CA ILE C 10 42.37 -7.70 13.62
C ILE C 10 41.09 -6.91 13.81
N ALA C 11 40.61 -6.27 12.74
CA ALA C 11 39.37 -5.49 12.84
C ALA C 11 38.18 -6.38 13.18
N GLY C 12 38.07 -7.54 12.54
CA GLY C 12 36.94 -8.41 12.78
C GLY C 12 36.83 -8.87 14.23
N TRP C 13 37.97 -9.24 14.83
CA TRP C 13 37.95 -9.69 16.21
C TRP C 13 37.77 -8.52 17.17
N ILE C 14 38.19 -7.32 16.78
CA ILE C 14 38.05 -6.16 17.66
C ILE C 14 36.72 -5.45 17.46
N LEU C 15 36.12 -5.53 16.26
CA LEU C 15 34.79 -4.95 16.06
C LEU C 15 33.69 -5.83 16.63
N GLY C 16 33.91 -7.14 16.69
CA GLY C 16 32.91 -8.05 17.22
C GLY C 16 32.09 -8.72 16.13
N ASN C 17 32.75 -9.15 15.06
CA ASN C 17 32.04 -9.78 13.96
C ASN C 17 31.33 -11.04 14.44
N PRO C 18 30.10 -11.30 13.99
CA PRO C 18 29.34 -12.43 14.55
C PRO C 18 30.05 -13.77 14.45
N GLU C 19 30.78 -14.01 13.36
CA GLU C 19 31.49 -15.28 13.19
C GLU C 19 32.88 -15.29 13.80
N CYS C 20 33.47 -14.11 14.05
CA CYS C 20 34.84 -14.07 14.57
C CYS C 20 34.91 -14.48 16.03
N GLU C 21 33.97 -13.99 16.85
CA GLU C 21 34.02 -14.23 18.28
C GLU C 21 33.79 -15.70 18.65
N SER C 22 33.16 -16.47 17.77
CA SER C 22 32.91 -17.88 18.06
C SER C 22 34.18 -18.73 18.05
N LEU C 23 35.30 -18.20 17.53
CA LEU C 23 36.52 -18.98 17.40
C LEU C 23 37.47 -18.81 18.58
N PHE C 24 37.92 -17.58 18.83
CA PHE C 24 38.98 -17.35 19.80
C PHE C 24 38.73 -16.07 20.59
N SER C 25 39.21 -16.09 21.83
CA SER C 25 39.36 -14.92 22.67
C SER C 25 40.62 -15.13 23.51
N LYS C 26 41.20 -14.02 23.98
CA LYS C 26 42.43 -14.12 24.75
C LYS C 26 42.65 -12.83 25.52
N GLU C 27 43.57 -12.90 26.49
CA GLU C 27 43.94 -11.75 27.32
C GLU C 27 45.42 -11.40 27.20
N SER C 28 46.31 -12.39 27.26
CA SER C 28 47.74 -12.17 27.15
C SER C 28 48.23 -12.75 25.83
N TRP C 29 48.85 -11.92 25.00
CA TRP C 29 49.38 -12.37 23.72
C TRP C 29 50.49 -11.42 23.29
N SER C 30 51.29 -11.90 22.33
CA SER C 30 52.38 -11.10 21.77
C SER C 30 52.39 -11.03 20.25
N TYR C 31 51.65 -11.90 19.56
CA TYR C 31 51.57 -11.89 18.11
C TYR C 31 50.11 -11.81 17.68
N ILE C 32 49.83 -10.96 16.69
CA ILE C 32 48.45 -10.63 16.36
C ILE C 32 48.19 -10.76 14.86
N ALA C 33 49.24 -10.86 14.06
CA ALA C 33 49.11 -10.85 12.61
C ALA C 33 48.67 -12.23 12.13
N GLU C 34 47.41 -12.35 11.71
CA GLU C 34 46.88 -13.60 11.18
C GLU C 34 46.48 -13.49 9.72
N THR C 35 45.57 -12.58 9.37
CA THR C 35 45.10 -12.40 7.99
C THR C 35 44.86 -10.92 7.76
N PRO C 36 45.40 -10.34 6.67
CA PRO C 36 45.29 -8.89 6.47
C PRO C 36 43.87 -8.39 6.21
N ASN C 37 43.20 -8.94 5.21
CA ASN C 37 41.91 -8.41 4.77
C ASN C 37 41.27 -9.42 3.82
N SER C 38 40.15 -9.02 3.20
CA SER C 38 39.37 -9.88 2.30
C SER C 38 38.89 -11.13 3.02
N GLU C 39 38.50 -10.99 4.28
CA GLU C 39 38.01 -12.09 5.10
C GLU C 39 36.83 -11.58 5.92
N ASN C 40 36.50 -12.33 6.99
CA ASN C 40 35.33 -12.04 7.82
C ASN C 40 35.48 -10.77 8.64
N GLY C 41 36.56 -10.02 8.42
CA GLY C 41 36.84 -8.81 9.15
C GLY C 41 35.68 -7.82 9.22
N THR C 42 35.32 -7.23 8.09
CA THR C 42 34.25 -6.24 8.03
C THR C 42 33.04 -6.87 7.34
N CYS C 43 32.02 -7.23 8.12
CA CYS C 43 30.79 -7.72 7.54
C CYS C 43 29.95 -6.60 6.94
N TYR C 44 30.22 -5.35 7.30
CA TYR C 44 29.60 -4.19 6.70
C TYR C 44 30.65 -3.33 6.03
N PRO C 45 30.44 -2.89 4.79
CA PRO C 45 31.46 -2.09 4.10
C PRO C 45 31.74 -0.80 4.85
N GLY C 46 33.01 -0.41 4.84
CA GLY C 46 33.42 0.80 5.53
C GLY C 46 34.93 0.91 5.57
N TYR C 47 35.39 2.02 6.13
CA TYR C 47 36.81 2.32 6.25
C TYR C 47 37.20 2.33 7.72
N PHE C 48 38.24 1.57 8.06
CA PHE C 48 38.76 1.51 9.42
C PHE C 48 39.90 2.51 9.53
N ALA C 49 39.68 3.58 10.28
CA ALA C 49 40.71 4.61 10.44
C ALA C 49 41.86 4.10 11.30
N ASP C 50 43.07 4.41 10.88
CA ASP C 50 44.29 4.09 11.63
C ASP C 50 44.38 2.59 11.93
N TYR C 51 44.12 1.78 10.91
CA TYR C 51 44.16 0.33 11.08
C TYR C 51 45.58 -0.15 11.39
N GLU C 52 46.56 0.35 10.65
CA GLU C 52 47.94 -0.04 10.90
C GLU C 52 48.42 0.45 12.26
N GLU C 53 48.04 1.68 12.64
CA GLU C 53 48.39 2.19 13.96
C GLU C 53 47.75 1.34 15.06
N LEU C 54 46.49 0.96 14.89
CA LEU C 54 45.83 0.11 15.87
C LEU C 54 46.51 -1.26 15.95
N ARG C 55 46.93 -1.79 14.81
CA ARG C 55 47.63 -3.08 14.80
C ARG C 55 48.92 -3.01 15.60
N GLU C 56 49.68 -1.91 15.43
CA GLU C 56 50.93 -1.76 16.17
C GLU C 56 50.68 -1.64 17.67
N GLN C 57 49.70 -0.83 18.05
CA GLN C 57 49.38 -0.66 19.47
C GLN C 57 48.84 -1.95 20.07
N LEU C 58 47.97 -2.65 19.34
CA LEU C 58 47.39 -3.89 19.84
C LEU C 58 48.42 -5.01 19.94
N SER C 59 49.52 -4.92 19.18
CA SER C 59 50.57 -5.93 19.26
C SER C 59 51.28 -5.84 20.60
N SER C 60 51.58 -7.01 21.17
CA SER C 60 52.28 -7.13 22.46
C SER C 60 51.53 -6.38 23.57
N VAL C 61 50.33 -6.85 23.85
CA VAL C 61 49.49 -6.32 24.92
C VAL C 61 49.43 -7.37 26.02
N SER C 62 49.89 -7.02 27.22
CA SER C 62 50.03 -8.00 28.29
C SER C 62 48.68 -8.40 28.85
N SER C 63 47.81 -7.42 29.12
CA SER C 63 46.52 -7.65 29.76
C SER C 63 45.40 -7.13 28.88
N PHE C 64 44.32 -7.90 28.78
CA PHE C 64 43.19 -7.57 27.92
C PHE C 64 41.91 -8.00 28.60
N GLU C 65 41.04 -7.04 28.89
CA GLU C 65 39.75 -7.30 29.52
C GLU C 65 38.64 -6.69 28.69
N ARG C 66 37.60 -7.47 28.45
CA ARG C 66 36.43 -7.01 27.70
C ARG C 66 35.34 -6.63 28.69
N PHE C 67 34.87 -5.38 28.62
CA PHE C 67 33.85 -4.88 29.52
C PHE C 67 32.84 -4.05 28.74
N GLU C 68 31.63 -3.96 29.29
CA GLU C 68 30.54 -3.23 28.66
C GLU C 68 30.66 -1.75 29.04
N ILE C 69 31.22 -0.95 28.13
CA ILE C 69 31.38 0.48 28.40
C ILE C 69 30.02 1.16 28.52
N PHE C 70 29.08 0.80 27.66
CA PHE C 70 27.72 1.33 27.70
C PHE C 70 26.74 0.17 27.74
N PRO C 71 26.02 -0.05 28.84
CA PRO C 71 24.99 -1.09 28.86
C PRO C 71 23.92 -0.81 27.82
N LYS C 72 23.43 -1.88 27.20
CA LYS C 72 22.49 -1.74 26.09
C LYS C 72 21.18 -1.11 26.54
N GLU C 73 20.60 -1.63 27.62
CA GLU C 73 19.31 -1.13 28.08
C GLU C 73 19.43 0.21 28.79
N SER C 74 20.46 0.37 29.63
CA SER C 74 20.52 1.52 30.52
C SER C 74 20.96 2.80 29.80
N SER C 75 21.89 2.68 28.85
CA SER C 75 22.55 3.87 28.31
C SER C 75 21.61 4.75 27.51
N TRP C 76 20.82 4.16 26.61
CA TRP C 76 19.97 4.93 25.71
C TRP C 76 18.50 4.62 25.98
N PRO C 77 17.81 5.48 26.75
CA PRO C 77 16.40 5.21 27.07
C PRO C 77 15.44 5.59 25.96
N ASN C 78 15.74 6.67 25.23
CA ASN C 78 14.85 7.22 24.23
C ASN C 78 15.26 6.87 22.80
N HIS C 79 15.89 5.72 22.61
CA HIS C 79 16.24 5.23 21.29
C HIS C 79 16.01 3.73 21.25
N THR C 80 15.82 3.21 20.04
CA THR C 80 15.57 1.79 19.84
C THR C 80 16.89 1.09 19.52
N VAL C 81 17.26 0.11 20.34
CA VAL C 81 18.52 -0.61 20.18
C VAL C 81 18.34 -1.96 19.51
N THR C 82 17.13 -2.52 19.51
CA THR C 82 16.89 -3.84 18.94
C THR C 82 16.68 -3.81 17.43
N LYS C 83 16.48 -2.63 16.84
CA LYS C 83 16.23 -2.54 15.40
C LYS C 83 17.48 -2.68 14.55
N GLY C 84 18.66 -2.57 15.14
CA GLY C 84 19.88 -2.54 14.35
C GLY C 84 20.47 -3.90 14.04
N VAL C 85 20.14 -4.45 12.87
CA VAL C 85 20.72 -5.68 12.35
C VAL C 85 20.76 -5.57 10.84
N THR C 86 21.58 -6.41 10.22
CA THR C 86 21.69 -6.40 8.77
C THR C 86 21.96 -7.82 8.28
N ALA C 87 21.59 -8.08 7.02
CA ALA C 87 21.82 -9.39 6.43
C ALA C 87 23.28 -9.60 6.07
N SER C 88 24.02 -8.52 5.83
CA SER C 88 25.44 -8.64 5.51
C SER C 88 26.26 -9.12 6.69
N CYS C 89 25.77 -8.92 7.91
CA CYS C 89 26.42 -9.41 9.12
C CYS C 89 25.65 -10.59 9.72
N SER C 90 24.97 -11.35 8.89
CA SER C 90 24.09 -12.42 9.38
C SER C 90 24.90 -13.54 10.02
N HIS C 91 24.36 -14.08 11.11
CA HIS C 91 24.96 -15.20 11.81
C HIS C 91 23.94 -16.33 11.93
N ASN C 92 24.32 -17.51 11.47
CA ASN C 92 23.46 -18.70 11.51
C ASN C 92 22.12 -18.45 10.80
N GLY C 93 22.18 -17.73 9.68
CA GLY C 93 20.99 -17.48 8.88
C GLY C 93 20.09 -16.38 9.39
N LYS C 94 20.46 -15.70 10.47
CA LYS C 94 19.66 -14.61 11.02
C LYS C 94 20.47 -13.32 10.97
N SER C 95 19.81 -12.22 10.61
CA SER C 95 20.47 -10.93 10.54
C SER C 95 21.03 -10.54 11.90
N SER C 96 22.29 -10.10 11.92
CA SER C 96 22.97 -9.75 13.16
C SER C 96 23.83 -8.52 12.90
N PHE C 97 24.67 -8.20 13.89
CA PHE C 97 25.55 -7.04 13.80
C PHE C 97 26.77 -7.33 14.68
N TYR C 98 27.68 -6.36 14.74
CA TYR C 98 28.87 -6.51 15.56
C TYR C 98 28.49 -6.65 17.03
N ARG C 99 29.23 -7.49 17.75
CA ARG C 99 28.94 -7.70 19.17
C ARG C 99 29.42 -6.54 20.02
N ASN C 100 30.46 -5.83 19.60
CA ASN C 100 31.00 -4.70 20.35
C ASN C 100 30.43 -3.36 19.92
N LEU C 101 29.64 -3.32 18.86
CA LEU C 101 29.02 -2.09 18.38
C LEU C 101 27.51 -2.28 18.33
N LEU C 102 26.78 -1.24 18.70
CA LEU C 102 25.32 -1.27 18.73
C LEU C 102 24.77 -0.19 17.82
N TRP C 103 23.88 -0.58 16.91
CA TRP C 103 23.24 0.38 16.02
C TRP C 103 22.12 1.10 16.75
N LEU C 104 22.10 2.42 16.66
CA LEU C 104 21.09 3.24 17.30
C LEU C 104 20.14 3.78 16.23
N THR C 105 18.84 3.55 16.44
CA THR C 105 17.80 4.01 15.52
C THR C 105 16.81 4.88 16.26
N GLU C 106 15.89 5.47 15.49
CA GLU C 106 14.87 6.32 16.06
C GLU C 106 13.87 5.49 16.87
N LYS C 107 13.19 6.16 17.80
CA LYS C 107 12.15 5.54 18.60
C LYS C 107 10.91 6.43 18.60
N ASN C 108 9.77 5.84 18.25
CA ASN C 108 8.47 6.53 18.27
C ASN C 108 8.49 7.80 17.42
N GLY C 109 9.08 7.70 16.23
CA GLY C 109 9.04 8.79 15.28
C GLY C 109 9.98 9.94 15.57
N LEU C 110 10.87 9.81 16.54
CA LEU C 110 11.81 10.86 16.87
C LEU C 110 13.17 10.27 17.22
N TYR C 111 14.22 11.06 17.00
CA TYR C 111 15.59 10.69 17.33
C TYR C 111 16.16 11.82 18.18
N PRO C 112 15.89 11.82 19.49
CA PRO C 112 16.37 12.92 20.33
C PRO C 112 17.89 12.98 20.38
N ASN C 113 18.41 14.18 20.56
CA ASN C 113 19.84 14.35 20.72
C ASN C 113 20.34 13.59 21.94
N LEU C 114 21.47 12.91 21.79
CA LEU C 114 22.01 12.06 22.85
C LEU C 114 23.37 12.61 23.29
N SER C 115 23.66 12.42 24.58
CA SER C 115 24.94 12.83 25.17
C SER C 115 25.29 11.79 26.23
N LYS C 116 26.21 10.89 25.89
CA LYS C 116 26.65 9.83 26.77
C LYS C 116 28.16 9.89 26.93
N SER C 117 28.65 9.64 28.14
CA SER C 117 30.07 9.71 28.44
C SER C 117 30.46 8.55 29.34
N TYR C 118 31.73 8.15 29.25
CA TYR C 118 32.29 7.10 30.08
C TYR C 118 33.56 7.61 30.75
N VAL C 119 33.64 7.43 32.08
CA VAL C 119 34.80 7.82 32.86
C VAL C 119 35.63 6.57 33.14
N ASN C 120 36.93 6.66 32.87
CA ASN C 120 37.83 5.51 33.01
C ASN C 120 38.40 5.48 34.42
N ASN C 121 38.00 4.47 35.19
CA ASN C 121 38.53 4.24 36.53
C ASN C 121 39.18 2.87 36.65
N LYS C 122 39.50 2.23 35.52
CA LYS C 122 40.06 0.89 35.50
C LYS C 122 41.57 0.87 35.72
N GLU C 123 42.21 2.03 35.82
CA GLU C 123 43.66 2.18 35.94
C GLU C 123 44.41 1.62 34.74
N LYS C 124 43.70 1.30 33.66
CA LYS C 124 44.29 0.78 32.44
C LYS C 124 43.71 1.53 31.25
N GLU C 125 44.51 1.68 30.20
CA GLU C 125 44.04 2.34 28.99
C GLU C 125 42.90 1.55 28.36
N VAL C 126 41.86 2.26 27.95
CA VAL C 126 40.62 1.65 27.46
C VAL C 126 40.51 1.90 25.96
N LEU C 127 40.30 0.83 25.20
CA LEU C 127 40.11 0.91 23.77
C LEU C 127 38.62 1.12 23.48
N VAL C 128 38.29 2.22 22.82
CA VAL C 128 36.92 2.56 22.48
C VAL C 128 36.80 2.63 20.97
N LEU C 129 35.86 1.88 20.41
CA LEU C 129 35.60 1.85 18.98
C LEU C 129 34.14 2.20 18.73
N TRP C 130 33.89 2.97 17.66
CA TRP C 130 32.55 3.35 17.28
C TRP C 130 32.50 3.46 15.76
N GLY C 131 31.33 3.84 15.24
CA GLY C 131 31.15 3.97 13.81
C GLY C 131 30.16 5.07 13.47
N VAL C 132 30.28 5.58 12.26
CA VAL C 132 29.39 6.61 11.73
C VAL C 132 28.79 6.09 10.43
N HIS C 133 27.47 6.07 10.35
CA HIS C 133 26.77 5.54 9.19
C HIS C 133 26.69 6.59 8.08
N HIS C 134 26.91 6.16 6.85
CA HIS C 134 26.72 7.00 5.66
C HIS C 134 25.64 6.39 4.80
N PRO C 135 24.39 6.86 4.91
CA PRO C 135 23.30 6.24 4.16
C PRO C 135 23.49 6.39 2.65
N SER C 136 23.03 5.38 1.91
CA SER C 136 23.14 5.42 0.45
C SER C 136 22.13 6.38 -0.17
N ASN C 137 20.94 6.46 0.41
CA ASN C 137 19.89 7.33 -0.10
C ASN C 137 19.39 8.24 1.01
N ILE C 138 18.90 9.42 0.62
CA ILE C 138 18.44 10.41 1.59
C ILE C 138 17.18 9.92 2.31
N GLU C 139 16.31 9.18 1.63
CA GLU C 139 15.07 8.73 2.25
C GLU C 139 15.34 7.78 3.41
N ASP C 140 16.32 6.89 3.25
CA ASP C 140 16.69 5.99 4.35
C ASP C 140 17.25 6.76 5.54
N GLN C 141 17.94 7.86 5.28
CA GLN C 141 18.44 8.70 6.37
C GLN C 141 17.30 9.29 7.18
N ARG C 142 16.24 9.74 6.51
CA ARG C 142 15.10 10.31 7.21
C ARG C 142 14.33 9.24 7.99
N ALA C 143 14.24 8.03 7.44
CA ALA C 143 13.47 6.97 8.09
C ALA C 143 14.10 6.54 9.40
N ILE C 144 15.43 6.40 9.44
CA ILE C 144 16.08 5.84 10.62
C ILE C 144 16.51 6.91 11.61
N TYR C 145 16.89 8.10 11.14
CA TYR C 145 17.44 9.12 12.02
C TYR C 145 16.63 10.41 12.08
N HIS C 146 15.67 10.60 11.16
CA HIS C 146 14.74 11.74 11.18
C HIS C 146 15.46 13.08 11.09
N THR C 147 16.69 13.10 10.57
CA THR C 147 17.43 14.34 10.41
C THR C 147 18.32 14.24 9.18
N GLU C 148 18.41 15.33 8.43
CA GLU C 148 19.25 15.38 7.23
C GLU C 148 20.65 15.90 7.54
N ASN C 149 20.76 16.91 8.40
CA ASN C 149 22.05 17.46 8.79
C ASN C 149 22.58 16.71 10.01
N ALA C 150 22.95 15.45 9.78
CA ALA C 150 23.41 14.59 10.86
C ALA C 150 24.81 15.01 11.32
N TYR C 151 25.02 14.97 12.63
CA TYR C 151 26.32 15.27 13.21
C TYR C 151 26.63 14.25 14.29
N VAL C 152 27.90 13.83 14.37
CA VAL C 152 28.40 12.97 15.43
C VAL C 152 29.66 13.60 15.97
N SER C 153 29.70 13.84 17.29
CA SER C 153 30.82 14.49 17.94
C SER C 153 31.39 13.58 19.01
N VAL C 154 32.67 13.24 18.88
CA VAL C 154 33.40 12.47 19.88
C VAL C 154 34.53 13.36 20.40
N VAL C 155 34.43 13.76 21.66
CA VAL C 155 35.36 14.71 22.25
C VAL C 155 35.91 14.14 23.54
N SER C 156 37.23 14.19 23.71
CA SER C 156 37.90 13.82 24.94
C SER C 156 39.09 14.75 25.14
N SER C 157 39.81 14.56 26.24
CA SER C 157 40.98 15.39 26.51
C SER C 157 42.08 15.14 25.48
N HIS C 158 42.28 13.89 25.08
CA HIS C 158 43.33 13.54 24.14
C HIS C 158 42.85 13.46 22.69
N TYR C 159 41.62 13.03 22.46
CA TYR C 159 41.07 12.87 21.12
C TYR C 159 39.82 13.74 20.99
N SER C 160 39.69 14.39 19.83
CA SER C 160 38.56 15.27 19.57
C SER C 160 38.30 15.31 18.07
N ARG C 161 37.10 14.90 17.65
CA ARG C 161 36.73 14.89 16.25
C ARG C 161 35.22 15.01 16.14
N ARG C 162 34.77 15.72 15.10
CA ARG C 162 33.35 15.90 14.82
C ARG C 162 33.06 15.38 13.41
N PHE C 163 32.13 14.44 13.30
CA PHE C 163 31.80 13.83 12.03
C PHE C 163 30.48 14.38 11.50
N THR C 164 30.45 14.70 10.21
CA THR C 164 29.25 15.15 9.51
C THR C 164 29.02 14.22 8.33
N PRO C 165 28.36 13.08 8.54
CA PRO C 165 28.17 12.12 7.45
C PRO C 165 27.36 12.72 6.31
N GLU C 166 27.70 12.30 5.09
CA GLU C 166 27.06 12.78 3.88
C GLU C 166 26.48 11.59 3.12
N ILE C 167 25.29 11.76 2.58
CA ILE C 167 24.62 10.70 1.82
C ILE C 167 25.24 10.64 0.43
N ALA C 168 25.79 9.48 0.07
CA ALA C 168 26.42 9.30 -1.24
C ALA C 168 26.31 7.84 -1.63
N LYS C 169 25.66 7.58 -2.75
CA LYS C 169 25.54 6.21 -3.25
C LYS C 169 26.89 5.71 -3.72
N ARG C 170 27.24 4.50 -3.31
CA ARG C 170 28.54 3.91 -3.57
C ARG C 170 28.35 2.51 -4.17
N PRO C 171 29.37 1.98 -4.85
CA PRO C 171 29.25 0.65 -5.44
C PRO C 171 28.93 -0.40 -4.38
N LYS C 172 28.10 -1.36 -4.77
CA LYS C 172 27.58 -2.35 -3.83
C LYS C 172 28.71 -3.25 -3.33
N VAL C 173 28.93 -3.24 -2.03
CA VAL C 173 29.89 -4.12 -1.36
C VAL C 173 29.14 -4.90 -0.29
N ARG C 174 29.17 -6.22 -0.40
CA ARG C 174 28.44 -7.10 0.51
C ARG C 174 26.96 -6.73 0.57
N ASP C 175 26.39 -6.44 -0.60
CA ASP C 175 24.96 -6.13 -0.76
C ASP C 175 24.54 -4.91 0.04
N GLN C 176 25.45 -3.94 0.19
CA GLN C 176 25.16 -2.71 0.94
C GLN C 176 25.80 -1.54 0.19
N GLU C 177 24.96 -0.67 -0.38
CA GLU C 177 25.49 0.53 -1.01
C GLU C 177 25.90 1.57 0.03
N GLY C 178 25.30 1.52 1.22
CA GLY C 178 25.72 2.40 2.29
C GLY C 178 27.02 1.97 2.94
N ARG C 179 27.64 2.89 3.66
CA ARG C 179 28.93 2.65 4.28
C ARG C 179 28.90 3.10 5.74
N ILE C 180 29.69 2.40 6.56
CA ILE C 180 29.87 2.75 7.97
C ILE C 180 31.37 2.82 8.22
N ASN C 181 31.89 4.04 8.36
CA ASN C 181 33.30 4.22 8.66
C ASN C 181 33.55 4.01 10.15
N TYR C 182 34.59 3.25 10.47
CA TYR C 182 34.91 2.88 11.85
C TYR C 182 36.07 3.73 12.35
N TYR C 183 35.92 4.26 13.57
CA TYR C 183 36.94 5.06 14.22
C TYR C 183 37.18 4.54 15.63
N TRP C 184 38.41 4.72 16.10
CA TRP C 184 38.81 4.22 17.42
C TRP C 184 39.70 5.23 18.10
N THR C 185 39.76 5.13 19.43
CA THR C 185 40.67 5.94 20.23
C THR C 185 40.97 5.20 21.52
N LEU C 186 42.06 5.61 22.17
CA LEU C 186 42.49 5.02 23.44
C LEU C 186 42.25 6.03 24.55
N LEU C 187 41.54 5.59 25.59
CA LEU C 187 41.16 6.45 26.71
C LEU C 187 42.17 6.27 27.84
N GLU C 188 42.96 7.31 28.09
CA GLU C 188 43.89 7.26 29.20
C GLU C 188 43.13 7.19 30.52
N PRO C 189 43.63 6.48 31.51
CA PRO C 189 42.93 6.43 32.81
C PRO C 189 42.76 7.83 33.39
N GLY C 190 41.60 8.06 33.99
CA GLY C 190 41.25 9.37 34.51
C GLY C 190 40.66 10.32 33.49
N ASP C 191 40.42 9.87 32.26
CA ASP C 191 39.85 10.70 31.21
C ASP C 191 38.45 10.21 30.85
N THR C 192 37.64 11.12 30.34
CA THR C 192 36.27 10.83 29.97
C THR C 192 36.05 11.17 28.50
N ILE C 193 35.35 10.29 27.79
CA ILE C 193 35.06 10.44 26.37
C ILE C 193 33.57 10.75 26.21
N ILE C 194 33.25 11.78 25.44
CA ILE C 194 31.89 12.27 25.29
C ILE C 194 31.39 11.95 23.89
N PHE C 195 30.18 11.42 23.81
CA PHE C 195 29.52 11.15 22.54
C PHE C 195 28.28 12.04 22.44
N GLU C 196 28.23 12.87 21.39
CA GLU C 196 27.07 13.70 21.10
C GLU C 196 26.70 13.55 19.63
N ALA C 197 25.44 13.20 19.37
CA ALA C 197 25.00 12.98 18.00
C ALA C 197 23.48 13.06 17.94
N ASN C 198 22.98 13.51 16.78
CA ASN C 198 21.56 13.50 16.47
C ASN C 198 21.17 12.35 15.57
N GLY C 199 22.10 11.46 15.27
CA GLY C 199 21.84 10.32 14.40
C GLY C 199 23.10 9.89 13.70
N ASN C 200 22.97 8.81 12.93
CA ASN C 200 24.06 8.24 12.14
C ASN C 200 25.26 7.88 13.02
N LEU C 201 24.98 7.35 14.21
CA LEU C 201 26.01 6.98 15.16
C LEU C 201 25.89 5.51 15.53
N ILE C 202 26.98 4.77 15.35
CA ILE C 202 27.06 3.39 15.82
C ILE C 202 27.76 3.46 17.18
N ALA C 203 26.96 3.60 18.23
CA ALA C 203 27.51 3.82 19.56
C ALA C 203 28.22 2.57 20.06
N PRO C 204 29.31 2.72 20.82
CA PRO C 204 30.01 1.55 21.35
C PRO C 204 29.14 0.77 22.33
N TRP C 205 29.32 -0.54 22.35
CA TRP C 205 28.66 -1.42 23.27
C TRP C 205 29.62 -2.07 24.26
N TYR C 206 30.72 -2.62 23.78
CA TYR C 206 31.74 -3.23 24.61
C TYR C 206 33.10 -2.59 24.31
N ALA C 207 33.87 -2.34 25.35
CA ALA C 207 35.20 -1.78 25.24
C ALA C 207 36.22 -2.73 25.84
N PHE C 208 37.49 -2.48 25.54
CA PHE C 208 38.59 -3.33 25.99
C PHE C 208 39.58 -2.50 26.80
N ALA C 209 39.82 -2.93 28.04
CA ALA C 209 40.86 -2.34 28.87
C ALA C 209 42.16 -3.12 28.66
N LEU C 210 43.23 -2.40 28.32
CA LEU C 210 44.47 -3.04 27.92
C LEU C 210 45.65 -2.40 28.65
N SER C 211 46.72 -3.18 28.79
CA SER C 211 47.98 -2.71 29.33
C SER C 211 49.11 -3.17 28.41
N ARG C 212 50.14 -2.34 28.30
CA ARG C 212 51.27 -2.60 27.42
C ARG C 212 52.56 -2.78 28.21
N GLY C 213 52.50 -3.53 29.31
CA GLY C 213 53.65 -3.78 30.14
C GLY C 213 53.54 -5.04 30.96
C1 NAG D . 37.19 -20.23 7.26
C2 NAG D . 37.98 -20.98 6.19
C3 NAG D . 37.31 -22.31 5.86
C4 NAG D . 37.07 -23.11 7.14
C5 NAG D . 36.34 -22.27 8.19
C6 NAG D . 36.21 -22.97 9.52
C7 NAG D . 39.27 -20.12 4.29
C8 NAG D . 39.26 -19.24 3.08
N2 NAG D . 38.13 -20.18 4.99
O3 NAG D . 38.11 -23.05 4.96
O4 NAG D . 36.28 -24.26 6.85
O5 NAG D . 37.07 -21.05 8.43
O6 NAG D . 36.10 -22.03 10.59
O7 NAG D . 40.27 -20.76 4.62
#